data_8DH7
#
_entry.id   8DH7
#
_cell.length_a   1.00
_cell.length_b   1.00
_cell.length_c   1.00
_cell.angle_alpha   90.00
_cell.angle_beta   90.00
_cell.angle_gamma   90.00
#
_symmetry.space_group_name_H-M   'P 1'
#
_entity_poly.entity_id   1
_entity_poly.type   'polypeptide(L)'
_entity_poly.pdbx_seq_one_letter_code
;MTISNLLKQRVRYAPYLKKVKEAHELIPLFKNGQYLGWSGFTGVGTPKAVPEALIDHVEKNNLQGKLRFNLFVGASAGPE
ENRWAEHDMIIKRAPHQVGKPIAKAINQGRIEFFDKHLSMFPQDLTYGFYTRERKDNKILDYTIIEATAIKEDGSIVPGP
SVGGSPEFITVSDKVIIEVNTATPSFEGIHDIDMPVNPPFRKPYPYLKVDDKCGVDSIPVDPEKVVAIVESTMRDQVPPN
TPSDDMSRAIAGHLVEFFRNEVKHGRLPENLLPLQSGIGNIANAVIEGLAGAQFKHLTVWTEVLQDSFLDLFENGSLDYA
TATSVRLTEKGFDRAFANWENFKHRLCLRSQVVSNNPEMIRRLGVIAMNTPVEVDIYAHANSTNVNGSRMLNGLGGSADF
LRNAKLSIMHAPSARPTKVDPTGISTIVPMASHVDQTEHDLDILVTDQGLADLRGLSPKERAREIINKCAHPDYQALLTD
YLDRAEHYAKKHNCLHEPHMLKNAFKFHTNLAEKGTMKVDSWEPVD
;
_entity_poly.pdbx_strand_id   B,A
#
# COMPACT_ATOMS: atom_id res chain seq x y z
N MET A 1 -40.30 -25.36 -15.73
CA MET A 1 -40.11 -25.55 -14.29
C MET A 1 -40.43 -27.01 -13.93
N THR A 2 -40.14 -27.91 -14.86
CA THR A 2 -40.23 -29.35 -14.58
C THR A 2 -38.91 -29.82 -13.96
N ILE A 3 -38.56 -29.16 -12.86
CA ILE A 3 -37.33 -29.34 -12.07
C ILE A 3 -36.41 -30.41 -12.64
N SER A 4 -35.61 -30.03 -13.63
CA SER A 4 -34.77 -30.95 -14.37
C SER A 4 -33.97 -31.86 -13.45
N ASN A 5 -33.83 -33.14 -13.82
CA ASN A 5 -33.11 -34.10 -12.99
C ASN A 5 -31.69 -33.63 -12.71
N LEU A 6 -31.09 -32.92 -13.66
CA LEU A 6 -29.77 -32.34 -13.41
C LEU A 6 -29.83 -31.34 -12.26
N LEU A 7 -30.85 -30.48 -12.23
CA LEU A 7 -31.00 -29.55 -11.12
C LEU A 7 -31.20 -30.27 -9.80
N LYS A 8 -32.04 -31.31 -9.79
CA LYS A 8 -32.23 -32.09 -8.57
C LYS A 8 -30.92 -32.70 -8.10
N GLN A 9 -30.10 -33.18 -9.03
CA GLN A 9 -28.82 -33.76 -8.67
C GLN A 9 -27.89 -32.70 -8.07
N ARG A 10 -27.88 -31.49 -8.64
CA ARG A 10 -26.94 -30.48 -8.17
C ARG A 10 -27.30 -29.96 -6.77
N VAL A 11 -28.58 -29.65 -6.53
CA VAL A 11 -28.99 -29.11 -5.23
C VAL A 11 -29.39 -30.27 -4.33
N ARG A 12 -28.74 -30.35 -3.17
CA ARG A 12 -28.98 -31.42 -2.21
C ARG A 12 -29.72 -30.94 -0.97
N TYR A 13 -30.28 -29.73 -1.00
CA TYR A 13 -31.08 -29.19 0.10
C TYR A 13 -32.54 -29.24 -0.32
N ALA A 14 -33.33 -30.05 0.38
CA ALA A 14 -34.72 -30.25 -0.02
C ALA A 14 -35.56 -28.99 0.00
N PRO A 15 -35.50 -28.11 1.01
CA PRO A 15 -36.34 -26.91 0.97
C PRO A 15 -36.05 -25.99 -0.21
N TYR A 16 -34.83 -26.00 -0.74
CA TYR A 16 -34.49 -25.11 -1.84
C TYR A 16 -35.25 -25.45 -3.13
N LEU A 17 -35.72 -26.69 -3.28
CA LEU A 17 -36.48 -27.04 -4.48
C LEU A 17 -37.85 -26.38 -4.50
N LYS A 18 -38.30 -25.84 -3.38
CA LYS A 18 -39.56 -25.10 -3.33
C LYS A 18 -39.37 -23.61 -3.63
N LYS A 19 -38.14 -23.14 -3.78
CA LYS A 19 -37.85 -21.76 -4.11
C LYS A 19 -37.35 -21.60 -5.54
N VAL A 20 -37.57 -22.61 -6.39
CA VAL A 20 -37.16 -22.53 -7.78
C VAL A 20 -38.08 -21.58 -8.53
N LYS A 21 -37.48 -20.64 -9.27
CA LYS A 21 -38.24 -19.70 -10.09
C LYS A 21 -37.50 -19.45 -11.39
N GLU A 22 -38.27 -19.11 -12.43
CA GLU A 22 -37.67 -18.68 -13.69
C GLU A 22 -37.08 -17.28 -13.56
N ALA A 23 -36.18 -16.95 -14.49
CA ALA A 23 -35.48 -15.68 -14.41
C ALA A 23 -36.45 -14.51 -14.54
N HIS A 24 -37.42 -14.61 -15.45
CA HIS A 24 -38.38 -13.54 -15.66
C HIS A 24 -39.34 -13.37 -14.50
N GLU A 25 -39.45 -14.36 -13.61
CA GLU A 25 -40.35 -14.27 -12.46
C GLU A 25 -39.79 -13.41 -11.33
N LEU A 26 -38.50 -13.07 -11.38
CA LEU A 26 -37.87 -12.26 -10.37
C LEU A 26 -37.86 -10.78 -10.71
N ILE A 27 -38.52 -10.38 -11.80
CA ILE A 27 -38.52 -8.98 -12.21
C ILE A 27 -39.13 -8.05 -11.16
N PRO A 28 -40.29 -8.35 -10.56
CA PRO A 28 -40.87 -7.42 -9.59
C PRO A 28 -39.99 -7.17 -8.38
N LEU A 29 -39.04 -8.05 -8.08
CA LEU A 29 -38.20 -7.87 -6.90
C LEU A 29 -37.25 -6.69 -7.05
N PHE A 30 -36.89 -6.33 -8.28
CA PHE A 30 -35.87 -5.33 -8.53
C PHE A 30 -36.50 -3.96 -8.76
N LYS A 31 -35.98 -2.95 -8.08
CA LYS A 31 -36.48 -1.59 -8.16
C LYS A 31 -35.31 -0.64 -8.40
N ASN A 32 -35.64 0.56 -8.87
CA ASN A 32 -34.63 1.56 -9.16
C ASN A 32 -33.86 1.95 -7.92
N GLY A 33 -32.56 2.16 -8.07
CA GLY A 33 -31.71 2.65 -7.01
C GLY A 33 -31.22 1.60 -6.03
N GLN A 34 -31.53 0.32 -6.25
CA GLN A 34 -31.12 -0.72 -5.32
C GLN A 34 -29.62 -0.99 -5.45
N TYR A 35 -29.05 -1.55 -4.39
CA TYR A 35 -27.67 -1.98 -4.38
C TYR A 35 -27.64 -3.48 -4.67
N LEU A 36 -26.95 -3.86 -5.75
CA LEU A 36 -26.89 -5.26 -6.17
C LEU A 36 -25.47 -5.78 -6.05
N GLY A 37 -25.36 -7.04 -5.64
CA GLY A 37 -24.09 -7.73 -5.58
C GLY A 37 -24.10 -8.91 -6.54
N TRP A 38 -22.98 -9.12 -7.23
CA TRP A 38 -22.82 -10.22 -8.16
C TRP A 38 -21.65 -11.09 -7.75
N SER A 39 -21.85 -12.40 -7.81
CA SER A 39 -20.73 -13.31 -7.69
C SER A 39 -19.92 -13.30 -8.99
N GLY A 40 -18.65 -13.64 -8.88
CA GLY A 40 -17.82 -13.72 -10.06
C GLY A 40 -16.55 -12.91 -9.99
N PHE A 41 -15.66 -13.15 -10.95
CA PHE A 41 -14.35 -12.51 -10.99
C PHE A 41 -13.85 -12.57 -12.41
N THR A 42 -13.24 -11.47 -12.88
CA THR A 42 -12.60 -11.33 -14.18
C THR A 42 -13.44 -11.90 -15.33
N GLY A 43 -14.76 -11.95 -15.16
CA GLY A 43 -15.65 -12.39 -16.21
C GLY A 43 -16.09 -13.83 -16.15
N VAL A 44 -15.72 -14.57 -15.12
CA VAL A 44 -16.11 -15.98 -14.98
C VAL A 44 -16.89 -16.15 -13.69
N GLY A 45 -17.93 -16.97 -13.75
CA GLY A 45 -18.76 -17.21 -12.59
C GLY A 45 -19.82 -16.17 -12.31
N THR A 46 -19.97 -15.18 -13.19
CA THR A 46 -20.97 -14.15 -12.99
C THR A 46 -22.36 -14.66 -13.35
N PRO A 47 -23.39 -14.20 -12.65
CA PRO A 47 -24.76 -14.62 -12.99
C PRO A 47 -25.16 -14.14 -14.36
N LYS A 48 -26.00 -14.93 -15.02
CA LYS A 48 -26.42 -14.61 -16.38
C LYS A 48 -27.92 -14.60 -16.58
N ALA A 49 -28.66 -15.50 -15.92
CA ALA A 49 -30.09 -15.61 -16.18
C ALA A 49 -30.84 -14.36 -15.71
N VAL A 50 -30.63 -13.96 -14.46
CA VAL A 50 -31.30 -12.80 -13.88
C VAL A 50 -30.90 -11.51 -14.61
N PRO A 51 -29.60 -11.25 -14.86
CA PRO A 51 -29.26 -10.05 -15.64
C PRO A 51 -29.87 -10.04 -17.03
N GLU A 52 -29.94 -11.19 -17.70
CA GLU A 52 -30.55 -11.23 -19.03
C GLU A 52 -32.04 -10.96 -18.96
N ALA A 53 -32.72 -11.52 -17.95
CA ALA A 53 -34.14 -11.22 -17.78
C ALA A 53 -34.36 -9.74 -17.49
N LEU A 54 -33.49 -9.14 -16.69
CA LEU A 54 -33.59 -7.72 -16.40
C LEU A 54 -33.39 -6.88 -17.66
N ILE A 55 -32.40 -7.25 -18.48
CA ILE A 55 -32.18 -6.54 -19.74
C ILE A 55 -33.39 -6.66 -20.65
N ASP A 56 -33.96 -7.85 -20.74
CA ASP A 56 -35.14 -8.05 -21.59
C ASP A 56 -36.32 -7.23 -21.09
N HIS A 57 -36.50 -7.17 -19.77
CA HIS A 57 -37.56 -6.36 -19.20
C HIS A 57 -37.36 -4.88 -19.52
N VAL A 58 -36.11 -4.41 -19.41
CA VAL A 58 -35.83 -3.00 -19.71
C VAL A 58 -36.11 -2.70 -21.18
N GLU A 59 -35.69 -3.60 -22.07
CA GLU A 59 -35.94 -3.39 -23.50
C GLU A 59 -37.43 -3.39 -23.81
N LYS A 60 -38.19 -4.30 -23.19
CA LYS A 60 -39.60 -4.43 -23.53
C LYS A 60 -40.39 -3.20 -23.12
N ASN A 61 -40.12 -2.66 -21.93
CA ASN A 61 -40.88 -1.54 -21.38
C ASN A 61 -40.22 -0.19 -21.62
N ASN A 62 -39.10 -0.15 -22.33
CA ASN A 62 -38.37 1.09 -22.62
C ASN A 62 -38.02 1.83 -21.33
N LEU A 63 -37.26 1.14 -20.47
CA LEU A 63 -36.85 1.68 -19.18
C LEU A 63 -35.39 2.08 -19.16
N GLN A 64 -34.81 2.41 -20.31
CA GLN A 64 -33.41 2.79 -20.37
C GLN A 64 -33.18 4.10 -19.62
N GLY A 65 -32.36 4.04 -18.58
CA GLY A 65 -32.07 5.19 -17.76
C GLY A 65 -33.06 5.45 -16.64
N LYS A 66 -34.16 4.68 -16.58
CA LYS A 66 -35.14 4.82 -15.51
C LYS A 66 -35.15 3.65 -14.53
N LEU A 67 -34.50 2.55 -14.87
CA LEU A 67 -34.34 1.38 -13.99
C LEU A 67 -32.85 1.12 -13.88
N ARG A 68 -32.22 1.74 -12.89
CA ARG A 68 -30.78 1.67 -12.72
C ARG A 68 -30.44 1.19 -11.31
N PHE A 69 -29.29 0.53 -11.19
CA PHE A 69 -28.86 -0.06 -9.93
C PHE A 69 -27.41 0.33 -9.64
N ASN A 70 -27.09 0.37 -8.35
CA ASN A 70 -25.70 0.52 -7.92
C ASN A 70 -25.05 -0.87 -7.90
N LEU A 71 -24.27 -1.17 -8.93
CA LEU A 71 -23.74 -2.51 -9.14
C LEU A 71 -22.40 -2.66 -8.44
N PHE A 72 -22.33 -3.61 -7.50
CA PHE A 72 -21.08 -3.96 -6.83
C PHE A 72 -20.74 -5.40 -7.19
N VAL A 73 -19.57 -5.60 -7.78
CA VAL A 73 -19.11 -6.93 -8.16
C VAL A 73 -17.68 -7.07 -7.64
N GLY A 74 -17.27 -8.31 -7.39
CA GLY A 74 -15.92 -8.53 -6.88
C GLY A 74 -14.84 -8.03 -7.82
N ALA A 75 -15.02 -8.23 -9.11
CA ALA A 75 -14.08 -7.76 -10.12
C ALA A 75 -14.87 -7.47 -11.39
N SER A 76 -14.19 -7.40 -12.53
CA SER A 76 -14.87 -7.22 -13.80
C SER A 76 -15.82 -8.38 -14.07
N ALA A 77 -17.03 -8.07 -14.51
CA ALA A 77 -17.98 -9.08 -14.90
C ALA A 77 -17.84 -9.39 -16.39
N GLY A 78 -18.73 -10.23 -16.90
CA GLY A 78 -18.66 -10.67 -18.27
C GLY A 78 -19.34 -9.71 -19.23
N PRO A 79 -19.77 -10.22 -20.38
CA PRO A 79 -20.50 -9.36 -21.34
C PRO A 79 -21.84 -8.88 -20.81
N GLU A 80 -22.38 -9.50 -19.77
CA GLU A 80 -23.65 -9.04 -19.20
C GLU A 80 -23.52 -7.64 -18.64
N GLU A 81 -22.38 -7.34 -17.99
CA GLU A 81 -22.16 -6.00 -17.46
C GLU A 81 -22.04 -4.98 -18.59
N ASN A 82 -21.53 -5.38 -19.75
CA ASN A 82 -21.48 -4.46 -20.88
C ASN A 82 -22.87 -4.04 -21.32
N ARG A 83 -23.81 -4.97 -21.33
CA ARG A 83 -25.15 -4.68 -21.83
C ARG A 83 -25.96 -3.84 -20.85
N TRP A 84 -25.57 -3.81 -19.57
CA TRP A 84 -26.18 -2.85 -18.66
C TRP A 84 -25.67 -1.45 -18.91
N ALA A 85 -24.36 -1.29 -19.13
CA ALA A 85 -23.82 0.03 -19.45
C ALA A 85 -24.33 0.52 -20.79
N GLU A 86 -24.61 -0.38 -21.73
CA GLU A 86 -25.17 0.03 -23.01
C GLU A 86 -26.60 0.55 -22.86
N HIS A 87 -27.34 0.05 -21.89
CA HIS A 87 -28.72 0.47 -21.65
C HIS A 87 -28.85 1.46 -20.51
N ASP A 88 -27.72 1.93 -19.95
CA ASP A 88 -27.72 2.86 -18.83
C ASP A 88 -28.49 2.29 -17.64
N MET A 89 -28.12 1.09 -17.22
CA MET A 89 -28.72 0.43 -16.07
C MET A 89 -27.85 0.50 -14.82
N ILE A 90 -26.73 1.22 -14.87
CA ILE A 90 -25.80 1.29 -13.75
C ILE A 90 -25.68 2.74 -13.29
N ILE A 91 -25.83 2.96 -12.00
CA ILE A 91 -25.57 4.27 -11.40
C ILE A 91 -24.12 4.38 -10.95
N LYS A 92 -23.66 3.41 -10.16
CA LYS A 92 -22.30 3.39 -9.67
C LYS A 92 -21.73 1.98 -9.86
N ARG A 93 -20.43 1.92 -10.14
CA ARG A 93 -19.73 0.65 -10.35
C ARG A 93 -18.43 0.66 -9.56
N ALA A 94 -18.07 -0.50 -9.03
CA ALA A 94 -16.84 -0.66 -8.27
C ALA A 94 -16.51 -2.14 -8.17
N PRO A 95 -15.23 -2.51 -8.12
CA PRO A 95 -14.06 -1.66 -8.28
C PRO A 95 -13.24 -1.98 -9.54
N HIS A 96 -13.82 -2.69 -10.50
CA HIS A 96 -13.07 -3.13 -11.66
C HIS A 96 -14.03 -3.38 -12.81
N GLN A 97 -13.51 -3.29 -14.03
CA GLN A 97 -14.28 -3.49 -15.25
C GLN A 97 -13.32 -3.67 -16.41
N VAL A 98 -13.78 -4.39 -17.44
CA VAL A 98 -12.93 -4.66 -18.60
C VAL A 98 -13.64 -4.31 -19.89
N GLY A 99 -14.96 -4.12 -19.83
CA GLY A 99 -15.72 -3.87 -21.03
C GLY A 99 -15.38 -2.54 -21.68
N LYS A 100 -15.56 -2.48 -23.01
CA LYS A 100 -15.41 -1.21 -23.70
C LYS A 100 -16.65 -0.32 -23.55
N PRO A 101 -17.89 -0.83 -23.67
CA PRO A 101 -19.04 0.04 -23.37
C PRO A 101 -19.03 0.57 -21.96
N ILE A 102 -18.57 -0.21 -20.98
CA ILE A 102 -18.51 0.27 -19.60
C ILE A 102 -17.52 1.43 -19.50
N ALA A 103 -16.35 1.28 -20.11
CA ALA A 103 -15.35 2.34 -20.04
C ALA A 103 -15.82 3.59 -20.76
N LYS A 104 -16.51 3.43 -21.90
CA LYS A 104 -17.03 4.58 -22.62
C LYS A 104 -18.10 5.30 -21.80
N ALA A 105 -19.00 4.54 -21.15
CA ALA A 105 -20.02 5.15 -20.32
C ALA A 105 -19.42 5.86 -19.12
N ILE A 106 -18.39 5.27 -18.51
CA ILE A 106 -17.74 5.89 -17.37
C ILE A 106 -17.05 7.18 -17.79
N ASN A 107 -16.33 7.15 -18.92
CA ASN A 107 -15.60 8.31 -19.39
C ASN A 107 -16.51 9.38 -19.99
N GLN A 108 -17.76 9.06 -20.29
CA GLN A 108 -18.72 10.05 -20.74
C GLN A 108 -19.58 10.60 -19.61
N GLY A 109 -19.32 10.19 -18.37
CA GLY A 109 -20.06 10.69 -17.23
C GLY A 109 -21.39 10.01 -16.99
N ARG A 110 -21.76 9.01 -17.78
CA ARG A 110 -23.04 8.33 -17.60
C ARG A 110 -23.03 7.37 -16.42
N ILE A 111 -21.86 6.94 -15.96
CA ILE A 111 -21.73 6.03 -14.84
C ILE A 111 -20.67 6.57 -13.89
N GLU A 112 -20.99 6.60 -12.60
CA GLU A 112 -20.01 6.96 -11.60
C GLU A 112 -19.18 5.73 -11.23
N PHE A 113 -17.87 5.85 -11.29
CA PHE A 113 -16.97 4.72 -11.07
C PHE A 113 -15.88 5.11 -10.11
N PHE A 114 -15.69 4.30 -9.07
CA PHE A 114 -14.54 4.42 -8.20
C PHE A 114 -13.91 3.04 -8.05
N ASP A 115 -12.62 2.94 -8.28
CA ASP A 115 -11.90 1.69 -8.15
C ASP A 115 -11.12 1.63 -6.83
N LYS A 116 -10.92 0.41 -6.35
CA LYS A 116 -10.40 0.17 -5.01
C LYS A 116 -9.61 -1.12 -5.03
N HIS A 117 -8.73 -1.29 -4.04
CA HIS A 117 -7.98 -2.52 -3.90
C HIS A 117 -8.94 -3.70 -3.77
N LEU A 118 -8.67 -4.77 -4.53
CA LEU A 118 -9.55 -5.92 -4.54
C LEU A 118 -9.60 -6.64 -3.20
N SER A 119 -8.54 -6.53 -2.39
CA SER A 119 -8.55 -7.13 -1.07
C SER A 119 -9.37 -6.34 -0.06
N MET A 120 -9.63 -5.06 -0.33
CA MET A 120 -10.31 -4.20 0.62
C MET A 120 -11.72 -3.81 0.21
N PHE A 121 -12.08 -3.96 -1.06
CA PHE A 121 -13.44 -3.59 -1.48
C PHE A 121 -14.51 -4.40 -0.77
N PRO A 122 -14.47 -5.74 -0.77
CA PRO A 122 -15.49 -6.47 0.00
C PRO A 122 -15.41 -6.20 1.50
N GLN A 123 -14.20 -6.04 2.03
CA GLN A 123 -14.03 -5.78 3.45
C GLN A 123 -14.65 -4.44 3.84
N ASP A 124 -14.35 -3.39 3.07
CA ASP A 124 -14.92 -2.08 3.36
C ASP A 124 -16.41 -2.06 3.08
N LEU A 125 -16.89 -2.89 2.15
CA LEU A 125 -18.33 -3.01 1.94
C LEU A 125 -19.01 -3.62 3.15
N THR A 126 -18.37 -4.61 3.78
CA THR A 126 -18.91 -5.19 5.00
C THR A 126 -18.94 -4.19 6.15
N TYR A 127 -18.10 -3.16 6.11
CA TYR A 127 -18.12 -2.12 7.14
C TYR A 127 -19.22 -1.09 6.92
N GLY A 128 -19.93 -1.15 5.80
CA GLY A 128 -20.92 -0.14 5.48
C GLY A 128 -20.35 1.16 4.97
N PHE A 129 -19.11 1.15 4.49
CA PHE A 129 -18.47 2.39 4.04
C PHE A 129 -19.05 2.92 2.74
N TYR A 130 -19.71 2.08 1.96
CA TYR A 130 -20.21 2.47 0.64
C TYR A 130 -21.71 2.70 0.60
N THR A 131 -22.44 2.33 1.64
CA THR A 131 -23.88 2.51 1.72
C THR A 131 -24.24 3.45 2.87
N ARG A 132 -23.48 4.54 2.98
CA ARG A 132 -23.65 5.45 4.12
C ARG A 132 -25.01 6.13 4.10
N GLU A 133 -25.48 6.54 2.92
CA GLU A 133 -26.72 7.30 2.82
C GLU A 133 -27.96 6.47 3.05
N ARG A 134 -27.85 5.15 3.13
CA ARG A 134 -29.01 4.31 3.42
C ARG A 134 -29.46 4.51 4.85
N LYS A 135 -30.78 4.60 5.03
CA LYS A 135 -31.37 4.81 6.35
C LYS A 135 -32.10 3.58 6.89
N ASP A 136 -32.15 2.49 6.13
CA ASP A 136 -32.93 1.31 6.49
C ASP A 136 -32.07 0.17 7.02
N ASN A 137 -30.84 0.47 7.47
CA ASN A 137 -29.95 -0.50 8.10
C ASN A 137 -29.56 -1.64 7.19
N LYS A 138 -29.61 -1.45 5.88
CA LYS A 138 -29.19 -2.46 4.92
C LYS A 138 -27.87 -2.07 4.28
N ILE A 139 -27.28 -3.03 3.56
CA ILE A 139 -26.07 -2.77 2.79
C ILE A 139 -26.34 -3.11 1.33
N LEU A 140 -26.66 -4.38 1.07
CA LEU A 140 -27.02 -4.83 -0.27
C LEU A 140 -28.46 -5.31 -0.25
N ASP A 141 -29.26 -4.84 -1.20
CA ASP A 141 -30.65 -5.29 -1.28
C ASP A 141 -30.73 -6.72 -1.78
N TYR A 142 -29.90 -7.08 -2.76
CA TYR A 142 -29.85 -8.43 -3.29
C TYR A 142 -28.42 -8.78 -3.68
N THR A 143 -28.04 -10.02 -3.44
CA THR A 143 -26.84 -10.60 -4.03
C THR A 143 -27.27 -11.71 -4.99
N ILE A 144 -26.64 -11.75 -6.16
CA ILE A 144 -26.96 -12.73 -7.19
C ILE A 144 -25.71 -13.59 -7.37
N ILE A 145 -25.76 -14.81 -6.86
CA ILE A 145 -24.61 -15.70 -6.83
C ILE A 145 -24.87 -16.88 -7.77
N GLU A 146 -23.89 -17.20 -8.59
CA GLU A 146 -23.94 -18.39 -9.44
C GLU A 146 -23.32 -19.56 -8.69
N ALA A 147 -24.05 -20.68 -8.63
CA ALA A 147 -23.60 -21.87 -7.95
C ALA A 147 -23.54 -23.03 -8.91
N THR A 148 -22.67 -23.99 -8.62
CA THR A 148 -22.60 -25.23 -9.36
C THR A 148 -23.24 -26.41 -8.62
N ALA A 149 -23.28 -26.35 -7.29
CA ALA A 149 -23.94 -27.36 -6.48
C ALA A 149 -24.32 -26.74 -5.16
N ILE A 150 -25.25 -27.39 -4.46
CA ILE A 150 -25.71 -26.94 -3.15
C ILE A 150 -25.59 -28.12 -2.19
N LYS A 151 -24.88 -27.90 -1.08
CA LYS A 151 -24.62 -28.98 -0.14
C LYS A 151 -25.91 -29.34 0.60
N GLU A 152 -25.78 -30.31 1.52
CA GLU A 152 -26.94 -30.82 2.24
C GLU A 152 -27.44 -29.86 3.30
N ASP A 153 -26.63 -28.88 3.70
CA ASP A 153 -27.02 -27.91 4.71
C ASP A 153 -27.48 -26.59 4.11
N GLY A 154 -27.69 -26.54 2.79
CA GLY A 154 -28.11 -25.32 2.14
C GLY A 154 -27.00 -24.36 1.77
N SER A 155 -25.75 -24.73 1.99
CA SER A 155 -24.64 -23.86 1.65
C SER A 155 -24.40 -23.86 0.14
N ILE A 156 -23.68 -22.85 -0.33
CA ILE A 156 -23.49 -22.59 -1.74
C ILE A 156 -22.09 -23.01 -2.14
N VAL A 157 -21.98 -23.85 -3.17
CA VAL A 157 -20.69 -24.23 -3.75
C VAL A 157 -20.49 -23.39 -5.00
N PRO A 158 -19.50 -22.49 -5.03
CA PRO A 158 -19.34 -21.59 -6.17
C PRO A 158 -18.89 -22.31 -7.44
N GLY A 159 -18.68 -21.55 -8.52
CA GLY A 159 -18.20 -22.10 -9.75
C GLY A 159 -16.71 -21.92 -9.92
N PRO A 160 -16.28 -21.51 -11.12
CA PRO A 160 -14.84 -21.30 -11.36
C PRO A 160 -14.29 -20.05 -10.70
N SER A 161 -15.11 -19.28 -9.99
CA SER A 161 -14.65 -18.06 -9.34
C SER A 161 -15.33 -17.92 -7.99
N VAL A 162 -14.61 -17.30 -7.06
CA VAL A 162 -15.15 -16.97 -5.74
C VAL A 162 -15.38 -15.47 -5.59
N GLY A 163 -14.33 -14.67 -5.77
CA GLY A 163 -14.48 -13.23 -5.71
C GLY A 163 -14.88 -12.77 -4.32
N GLY A 164 -15.82 -11.82 -4.28
CA GLY A 164 -16.31 -11.30 -3.02
C GLY A 164 -17.60 -11.96 -2.58
N SER A 165 -17.87 -13.15 -3.11
CA SER A 165 -19.10 -13.85 -2.78
C SER A 165 -19.31 -14.07 -1.29
N PRO A 166 -18.31 -14.48 -0.49
CA PRO A 166 -18.57 -14.63 0.95
C PRO A 166 -19.05 -13.35 1.62
N GLU A 167 -18.35 -12.23 1.39
CA GLU A 167 -18.76 -10.97 1.99
C GLU A 167 -20.13 -10.53 1.47
N PHE A 168 -20.37 -10.71 0.18
CA PHE A 168 -21.67 -10.33 -0.39
C PHE A 168 -22.80 -11.12 0.24
N ILE A 169 -22.59 -12.42 0.45
CA ILE A 169 -23.60 -13.23 1.13
C ILE A 169 -23.76 -12.76 2.58
N THR A 170 -22.66 -12.37 3.21
CA THR A 170 -22.72 -11.92 4.60
C THR A 170 -23.57 -10.67 4.75
N VAL A 171 -23.40 -9.69 3.86
CA VAL A 171 -24.02 -8.37 4.04
C VAL A 171 -25.22 -8.16 3.12
N SER A 172 -25.87 -9.23 2.66
CA SER A 172 -27.01 -9.09 1.78
C SER A 172 -28.32 -9.36 2.51
N ASP A 173 -29.34 -8.56 2.21
CA ASP A 173 -30.66 -8.77 2.80
C ASP A 173 -31.32 -10.03 2.22
N LYS A 174 -31.24 -10.21 0.91
CA LYS A 174 -31.79 -11.37 0.23
C LYS A 174 -30.75 -11.94 -0.72
N VAL A 175 -30.86 -13.23 -1.01
CA VAL A 175 -29.91 -13.95 -1.83
C VAL A 175 -30.64 -14.63 -2.98
N ILE A 176 -30.12 -14.48 -4.19
CA ILE A 176 -30.62 -15.18 -5.37
C ILE A 176 -29.51 -16.08 -5.87
N ILE A 177 -29.83 -17.36 -6.08
CA ILE A 177 -28.84 -18.37 -6.43
C ILE A 177 -29.16 -18.90 -7.81
N GLU A 178 -28.18 -18.86 -8.71
CA GLU A 178 -28.25 -19.55 -10.00
C GLU A 178 -27.43 -20.82 -9.91
N VAL A 179 -28.09 -21.97 -10.08
CA VAL A 179 -27.41 -23.25 -10.13
C VAL A 179 -27.08 -23.54 -11.58
N ASN A 180 -25.81 -23.42 -11.94
CA ASN A 180 -25.38 -23.62 -13.32
C ASN A 180 -25.26 -25.11 -13.60
N THR A 181 -26.20 -25.65 -14.34
CA THR A 181 -26.19 -27.07 -14.70
C THR A 181 -25.45 -27.34 -16.00
N ALA A 182 -25.00 -26.31 -16.71
CA ALA A 182 -24.26 -26.48 -17.95
C ALA A 182 -22.77 -26.67 -17.73
N THR A 183 -22.27 -26.42 -16.52
CA THR A 183 -20.88 -26.66 -16.17
C THR A 183 -20.81 -27.70 -15.06
N PRO A 184 -19.85 -28.63 -15.13
CA PRO A 184 -19.77 -29.66 -14.09
C PRO A 184 -19.35 -29.08 -12.75
N SER A 185 -19.74 -29.79 -11.68
CA SER A 185 -19.58 -29.28 -10.33
C SER A 185 -18.12 -29.02 -10.00
N PHE A 186 -17.86 -27.86 -9.41
CA PHE A 186 -16.53 -27.49 -8.94
C PHE A 186 -16.32 -27.80 -7.48
N GLU A 187 -17.09 -28.75 -6.92
CA GLU A 187 -17.02 -29.04 -5.50
C GLU A 187 -15.66 -29.61 -5.13
N GLY A 188 -15.09 -29.10 -4.03
CA GLY A 188 -13.84 -29.59 -3.49
C GLY A 188 -12.65 -28.68 -3.71
N ILE A 189 -12.71 -27.78 -4.69
CA ILE A 189 -11.57 -26.90 -4.93
C ILE A 189 -11.56 -25.72 -3.96
N HIS A 190 -12.72 -25.19 -3.62
CA HIS A 190 -12.80 -23.91 -2.92
C HIS A 190 -12.37 -24.04 -1.46
N ASP A 191 -11.63 -23.04 -1.00
CA ASP A 191 -11.29 -22.88 0.42
C ASP A 191 -11.80 -21.50 0.81
N ILE A 192 -12.94 -21.46 1.50
CA ILE A 192 -13.70 -20.22 1.70
C ILE A 192 -13.57 -19.78 3.15
N ASP A 193 -13.11 -18.55 3.34
CA ASP A 193 -13.00 -17.94 4.66
C ASP A 193 -14.14 -16.94 4.82
N MET A 194 -15.05 -17.24 5.75
CA MET A 194 -16.16 -16.32 5.99
C MET A 194 -15.67 -15.09 6.72
N PRO A 195 -16.04 -13.89 6.29
CA PRO A 195 -15.48 -12.68 6.90
C PRO A 195 -15.83 -12.55 8.37
N VAL A 196 -14.87 -12.06 9.15
CA VAL A 196 -15.05 -11.73 10.56
C VAL A 196 -14.56 -10.31 10.78
N ASN A 197 -15.36 -9.50 11.44
CA ASN A 197 -14.99 -8.10 11.61
C ASN A 197 -14.23 -7.89 12.91
N PRO A 198 -13.36 -6.88 12.96
CA PRO A 198 -12.63 -6.59 14.19
C PRO A 198 -13.56 -6.06 15.26
N PRO A 199 -13.20 -6.20 16.55
CA PRO A 199 -11.96 -6.80 17.05
C PRO A 199 -12.04 -8.31 17.30
N PHE A 200 -12.65 -9.05 16.39
CA PHE A 200 -12.80 -10.50 16.53
C PHE A 200 -12.02 -11.27 15.47
N ARG A 201 -11.03 -10.65 14.84
CA ARG A 201 -10.28 -11.29 13.77
C ARG A 201 -9.16 -12.16 14.32
N LYS A 202 -8.95 -13.30 13.68
CA LYS A 202 -7.91 -14.26 14.00
C LYS A 202 -6.95 -14.39 12.82
N PRO A 203 -5.69 -14.77 13.07
CA PRO A 203 -4.75 -14.92 11.97
C PRO A 203 -5.15 -16.05 11.03
N TYR A 204 -4.80 -15.88 9.77
CA TYR A 204 -4.96 -16.95 8.80
C TYR A 204 -3.93 -18.03 9.08
N PRO A 205 -4.33 -19.29 9.29
CA PRO A 205 -3.36 -20.33 9.64
C PRO A 205 -2.56 -20.87 8.47
N TYR A 206 -2.58 -20.21 7.31
CA TYR A 206 -1.91 -20.74 6.13
C TYR A 206 -0.43 -20.43 6.18
N LEU A 207 0.38 -21.47 5.97
CA LEU A 207 1.82 -21.32 5.86
C LEU A 207 2.34 -21.55 4.45
N LYS A 208 1.59 -22.27 3.62
CA LYS A 208 1.97 -22.59 2.25
C LYS A 208 0.82 -22.22 1.32
N VAL A 209 1.01 -22.49 0.03
CA VAL A 209 -0.03 -22.19 -0.95
C VAL A 209 -1.13 -23.26 -0.96
N ASP A 210 -0.90 -24.40 -0.31
CA ASP A 210 -1.85 -25.50 -0.32
C ASP A 210 -2.44 -25.79 1.06
N ASP A 211 -2.35 -24.84 1.99
CA ASP A 211 -2.98 -24.99 3.29
C ASP A 211 -4.44 -24.56 3.22
N LYS A 212 -5.33 -25.40 3.76
CA LYS A 212 -6.76 -25.16 3.62
C LYS A 212 -7.45 -25.03 4.97
N CYS A 213 -8.76 -24.85 4.94
CA CYS A 213 -9.59 -24.76 6.15
C CYS A 213 -10.63 -25.86 6.26
N GLY A 214 -10.96 -26.54 5.17
CA GLY A 214 -12.01 -27.54 5.18
C GLY A 214 -13.39 -27.03 4.84
N VAL A 215 -13.54 -25.72 4.61
CA VAL A 215 -14.81 -25.12 4.25
C VAL A 215 -14.82 -24.91 2.75
N ASP A 216 -15.57 -25.73 2.03
CA ASP A 216 -15.66 -25.66 0.58
C ASP A 216 -17.04 -25.20 0.12
N SER A 217 -17.68 -24.35 0.92
CA SER A 217 -19.01 -23.86 0.61
C SER A 217 -19.26 -22.58 1.41
N ILE A 218 -20.13 -21.73 0.89
CA ILE A 218 -20.48 -20.46 1.53
C ILE A 218 -21.72 -20.69 2.39
N PRO A 219 -21.63 -20.56 3.71
CA PRO A 219 -22.83 -20.72 4.55
C PRO A 219 -23.76 -19.55 4.38
N VAL A 220 -24.97 -19.83 3.88
CA VAL A 220 -25.99 -18.82 3.66
C VAL A 220 -27.22 -19.21 4.48
N ASP A 221 -27.86 -18.22 5.08
CA ASP A 221 -29.07 -18.47 5.85
C ASP A 221 -30.17 -18.96 4.92
N PRO A 222 -30.75 -20.13 5.16
CA PRO A 222 -31.79 -20.63 4.25
C PRO A 222 -32.99 -19.72 4.12
N GLU A 223 -33.27 -18.88 5.12
CA GLU A 223 -34.39 -17.95 5.03
C GLU A 223 -34.08 -16.78 4.11
N LYS A 224 -32.80 -16.41 3.98
CA LYS A 224 -32.43 -15.29 3.12
C LYS A 224 -32.67 -15.61 1.64
N VAL A 225 -32.49 -16.86 1.24
CA VAL A 225 -32.60 -17.23 -0.17
C VAL A 225 -34.07 -17.13 -0.57
N VAL A 226 -34.33 -16.37 -1.63
CA VAL A 226 -35.70 -16.17 -2.10
C VAL A 226 -35.99 -16.88 -3.41
N ALA A 227 -34.98 -17.20 -4.21
CA ALA A 227 -35.22 -17.83 -5.51
C ALA A 227 -34.03 -18.67 -5.91
N ILE A 228 -34.32 -19.76 -6.60
CA ILE A 228 -33.31 -20.64 -7.19
C ILE A 228 -33.56 -20.70 -8.69
N VAL A 229 -32.67 -20.11 -9.47
CA VAL A 229 -32.83 -19.99 -10.91
C VAL A 229 -31.87 -20.97 -11.58
N GLU A 230 -32.39 -21.79 -12.49
CA GLU A 230 -31.57 -22.73 -13.22
C GLU A 230 -30.92 -22.02 -14.40
N SER A 231 -29.59 -22.05 -14.44
CA SER A 231 -28.83 -21.40 -15.50
C SER A 231 -28.16 -22.46 -16.36
N THR A 232 -28.33 -22.34 -17.68
CA THR A 232 -27.72 -23.25 -18.64
C THR A 232 -26.71 -22.57 -19.54
N MET A 233 -26.29 -21.35 -19.22
CA MET A 233 -25.37 -20.58 -20.04
C MET A 233 -23.96 -20.72 -19.48
N ARG A 234 -23.01 -21.03 -20.35
CA ARG A 234 -21.61 -21.21 -19.97
C ARG A 234 -20.86 -19.89 -20.13
N ASP A 235 -19.79 -19.75 -19.35
CA ASP A 235 -18.97 -18.54 -19.42
C ASP A 235 -18.36 -18.38 -20.81
N GLN A 236 -18.28 -17.14 -21.26
CA GLN A 236 -17.71 -16.79 -22.56
C GLN A 236 -16.38 -16.10 -22.33
N VAL A 237 -15.29 -16.83 -22.51
CA VAL A 237 -13.94 -16.32 -22.32
C VAL A 237 -13.25 -16.23 -23.67
N PRO A 238 -12.68 -15.08 -24.04
CA PRO A 238 -12.02 -14.97 -25.34
C PRO A 238 -10.78 -15.84 -25.39
N PRO A 239 -10.40 -16.33 -26.57
CA PRO A 239 -9.16 -17.11 -26.69
C PRO A 239 -7.94 -16.27 -26.34
N ASN A 240 -6.92 -16.93 -25.81
CA ASN A 240 -5.70 -16.24 -25.42
C ASN A 240 -4.97 -15.68 -26.64
N THR A 241 -4.25 -14.59 -26.42
CA THR A 241 -3.46 -13.95 -27.48
C THR A 241 -2.04 -14.49 -27.47
N PRO A 242 -1.55 -15.01 -28.59
CA PRO A 242 -0.17 -15.52 -28.63
C PRO A 242 0.84 -14.41 -28.35
N SER A 243 1.91 -14.79 -27.66
CA SER A 243 2.96 -13.83 -27.32
C SER A 243 3.75 -13.44 -28.56
N ASP A 244 4.14 -12.14 -28.55
CA ASP A 244 4.88 -11.55 -29.69
C ASP A 244 6.30 -11.32 -29.23
N ASP A 245 7.17 -10.89 -30.09
CA ASP A 245 8.55 -10.79 -29.75
C ASP A 245 8.92 -9.65 -28.92
N MET A 246 7.96 -8.96 -28.37
CA MET A 246 8.27 -7.85 -27.46
C MET A 246 8.06 -8.48 -26.12
N SER A 247 7.10 -9.42 -26.06
CA SER A 247 6.81 -10.15 -24.82
C SER A 247 7.86 -11.22 -24.56
N ARG A 248 8.36 -11.86 -25.62
CA ARG A 248 9.40 -12.86 -25.45
C ARG A 248 10.70 -12.22 -24.96
N ALA A 249 11.03 -11.02 -25.45
CA ALA A 249 12.20 -10.32 -24.94
C ALA A 249 12.05 -9.96 -23.47
N ILE A 250 10.86 -9.49 -23.08
CA ILE A 250 10.60 -9.20 -21.68
C ILE A 250 10.75 -10.47 -20.84
N ALA A 251 10.21 -11.58 -21.33
CA ALA A 251 10.31 -12.85 -20.60
C ALA A 251 11.74 -13.31 -20.48
N GLY A 252 12.55 -13.14 -21.53
CA GLY A 252 13.95 -13.52 -21.46
C GLY A 252 14.71 -12.69 -20.45
N HIS A 253 14.45 -11.37 -20.43
CA HIS A 253 15.08 -10.52 -19.42
C HIS A 253 14.69 -10.96 -18.02
N LEU A 254 13.41 -11.26 -17.81
CA LEU A 254 12.96 -11.69 -16.49
C LEU A 254 13.57 -13.02 -16.09
N VAL A 255 13.70 -13.95 -17.04
CA VAL A 255 14.27 -15.25 -16.74
C VAL A 255 15.74 -15.11 -16.37
N GLU A 256 16.48 -14.27 -17.10
CA GLU A 256 17.89 -14.05 -16.74
C GLU A 256 18.00 -13.40 -15.37
N PHE A 257 17.09 -12.46 -15.06
CA PHE A 257 17.10 -11.85 -13.74
C PHE A 257 16.82 -12.87 -12.65
N PHE A 258 15.88 -13.78 -12.88
CA PHE A 258 15.55 -14.81 -11.89
C PHE A 258 16.71 -15.78 -11.70
N ARG A 259 17.39 -16.16 -12.78
CA ARG A 259 18.58 -16.99 -12.66
C ARG A 259 19.65 -16.28 -11.85
N ASN A 260 19.85 -14.99 -12.09
CA ASN A 260 20.84 -14.24 -11.31
C ASN A 260 20.45 -14.19 -9.84
N GLU A 261 19.16 -13.99 -9.55
CA GLU A 261 18.71 -13.94 -8.16
C GLU A 261 18.92 -15.27 -7.46
N VAL A 262 18.60 -16.37 -8.14
CA VAL A 262 18.82 -17.69 -7.55
C VAL A 262 20.30 -17.96 -7.36
N LYS A 263 21.14 -17.48 -8.29
CA LYS A 263 22.58 -17.69 -8.18
C LYS A 263 23.15 -17.04 -6.94
N HIS A 264 22.65 -15.86 -6.58
CA HIS A 264 23.14 -15.11 -5.42
C HIS A 264 22.46 -15.51 -4.12
N GLY A 265 21.52 -16.45 -4.17
CA GLY A 265 20.84 -16.91 -2.96
C GLY A 265 19.69 -16.05 -2.52
N ARG A 266 19.40 -14.95 -3.20
CA ARG A 266 18.28 -14.10 -2.83
C ARG A 266 16.93 -14.74 -3.11
N LEU A 267 16.90 -15.81 -3.88
CA LEU A 267 15.71 -16.61 -4.11
C LEU A 267 16.10 -18.08 -4.05
N PRO A 268 15.22 -18.95 -3.56
CA PRO A 268 15.51 -20.38 -3.58
C PRO A 268 15.46 -20.94 -4.99
N GLU A 269 16.08 -22.11 -5.16
CA GLU A 269 16.16 -22.73 -6.47
C GLU A 269 14.78 -22.99 -7.07
N ASN A 270 13.77 -23.14 -6.22
CA ASN A 270 12.39 -23.33 -6.66
C ASN A 270 11.63 -22.02 -6.75
N LEU A 271 12.30 -20.89 -6.58
CA LEU A 271 11.68 -19.57 -6.53
C LEU A 271 10.63 -19.50 -5.42
N LEU A 272 9.74 -18.53 -5.52
CA LEU A 272 8.72 -18.29 -4.52
C LEU A 272 7.36 -18.23 -5.21
N PRO A 273 6.25 -18.12 -4.48
CA PRO A 273 4.95 -17.99 -5.14
C PRO A 273 4.92 -16.83 -6.13
N LEU A 274 4.36 -17.08 -7.30
CA LEU A 274 4.27 -16.10 -8.37
C LEU A 274 2.82 -15.66 -8.56
N GLN A 275 2.62 -14.45 -9.05
CA GLN A 275 1.28 -14.00 -9.42
C GLN A 275 1.34 -13.48 -10.86
N SER A 276 1.03 -14.37 -11.80
CA SER A 276 0.96 -14.04 -13.21
C SER A 276 -0.47 -14.29 -13.68
N GLY A 277 -0.93 -13.43 -14.60
CA GLY A 277 -2.31 -13.50 -14.99
C GLY A 277 -2.56 -13.46 -16.49
N ILE A 278 -3.40 -12.55 -16.91
CA ILE A 278 -3.84 -12.47 -18.30
C ILE A 278 -2.98 -11.45 -19.04
N GLY A 279 -2.72 -11.72 -20.31
CA GLY A 279 -1.93 -10.84 -21.14
C GLY A 279 -0.82 -11.56 -21.88
N ASN A 280 -0.39 -11.00 -23.01
CA ASN A 280 0.66 -11.63 -23.79
C ASN A 280 1.96 -11.71 -23.01
N ILE A 281 2.29 -10.66 -22.25
CA ILE A 281 3.52 -10.67 -21.47
C ILE A 281 3.48 -11.74 -20.37
N ALA A 282 2.32 -11.92 -19.72
CA ALA A 282 2.22 -12.95 -18.69
C ALA A 282 2.41 -14.35 -19.26
N ASN A 283 1.77 -14.63 -20.40
CA ASN A 283 1.96 -15.93 -21.05
C ASN A 283 3.41 -16.11 -21.47
N ALA A 284 4.04 -15.06 -22.00
CA ALA A 284 5.44 -15.16 -22.41
C ALA A 284 6.35 -15.43 -21.22
N VAL A 285 6.09 -14.77 -20.09
CA VAL A 285 6.91 -14.97 -18.90
C VAL A 285 6.73 -16.40 -18.38
N ILE A 286 5.50 -16.91 -18.39
CA ILE A 286 5.26 -18.27 -17.94
C ILE A 286 5.98 -19.26 -18.85
N GLU A 287 5.90 -19.05 -20.16
CA GLU A 287 6.61 -19.92 -21.10
C GLU A 287 8.12 -19.86 -20.90
N GLY A 288 8.67 -18.66 -20.67
CA GLY A 288 10.10 -18.55 -20.43
C GLY A 288 10.54 -19.24 -19.17
N LEU A 289 9.74 -19.15 -18.10
CA LEU A 289 10.05 -19.87 -16.87
C LEU A 289 9.95 -21.38 -17.09
N ALA A 290 8.97 -21.83 -17.87
CA ALA A 290 8.85 -23.25 -18.18
C ALA A 290 10.07 -23.75 -18.94
N GLY A 291 10.53 -22.97 -19.93
CA GLY A 291 11.71 -23.35 -20.69
C GLY A 291 13.03 -23.06 -20.00
N ALA A 292 12.99 -22.49 -18.81
CA ALA A 292 14.19 -22.18 -18.05
C ALA A 292 14.59 -23.29 -17.10
N GLN A 293 13.92 -24.44 -17.17
CA GLN A 293 14.19 -25.59 -16.30
C GLN A 293 13.97 -25.26 -14.83
N PHE A 294 12.94 -24.46 -14.54
CA PHE A 294 12.50 -24.26 -13.17
C PHE A 294 11.46 -25.30 -12.82
N LYS A 295 11.61 -25.91 -11.64
CA LYS A 295 10.75 -27.01 -11.22
C LYS A 295 10.16 -26.69 -9.85
N HIS A 296 9.04 -27.35 -9.55
CA HIS A 296 8.35 -27.22 -8.27
C HIS A 296 7.96 -25.77 -7.99
N LEU A 297 7.49 -25.07 -9.01
CA LEU A 297 7.01 -23.72 -8.84
C LEU A 297 5.67 -23.71 -8.11
N THR A 298 5.34 -22.58 -7.52
CA THR A 298 4.05 -22.37 -6.87
C THR A 298 3.50 -21.02 -7.30
N VAL A 299 2.18 -20.91 -7.35
CA VAL A 299 1.50 -19.71 -7.81
C VAL A 299 0.48 -19.27 -6.77
N TRP A 300 0.54 -18.00 -6.38
CA TRP A 300 -0.44 -17.36 -5.50
C TRP A 300 -0.89 -16.09 -6.21
N THR A 301 -1.91 -16.21 -7.05
CA THR A 301 -2.33 -15.10 -7.90
C THR A 301 -3.82 -14.81 -7.78
N GLU A 302 -4.34 -13.98 -8.68
CA GLU A 302 -5.77 -13.70 -8.78
C GLU A 302 -6.46 -14.63 -9.77
N VAL A 303 -5.90 -14.77 -10.97
CA VAL A 303 -6.55 -15.48 -12.06
C VAL A 303 -5.55 -16.45 -12.70
N LEU A 304 -6.03 -17.64 -13.06
CA LEU A 304 -5.28 -18.60 -13.85
C LEU A 304 -5.84 -18.69 -15.27
N GLN A 305 -4.99 -19.12 -16.20
CA GLN A 305 -5.31 -19.31 -17.60
C GLN A 305 -5.03 -20.76 -18.01
N ASP A 306 -5.10 -21.04 -19.30
CA ASP A 306 -4.61 -22.29 -19.87
C ASP A 306 -3.09 -22.42 -19.78
N SER A 307 -2.39 -21.31 -19.59
CA SER A 307 -0.93 -21.31 -19.56
C SER A 307 -0.42 -22.15 -18.40
N PHE A 308 -1.01 -21.99 -17.22
CA PHE A 308 -0.60 -22.72 -16.04
C PHE A 308 -0.96 -24.19 -16.13
N LEU A 309 -2.00 -24.52 -16.91
CA LEU A 309 -2.37 -25.92 -17.10
C LEU A 309 -1.26 -26.71 -17.79
N ASP A 310 -0.57 -26.09 -18.77
CA ASP A 310 0.58 -26.72 -19.40
C ASP A 310 1.68 -26.99 -18.38
N LEU A 311 1.88 -26.07 -17.44
CA LEU A 311 2.84 -26.26 -16.36
C LEU A 311 2.45 -27.44 -15.48
N PHE A 312 1.15 -27.56 -15.20
CA PHE A 312 0.67 -28.72 -14.45
C PHE A 312 0.96 -30.02 -15.20
N GLU A 313 0.71 -30.02 -16.51
CA GLU A 313 0.92 -31.24 -17.29
C GLU A 313 2.39 -31.63 -17.35
N ASN A 314 3.28 -30.66 -17.59
CA ASN A 314 4.69 -30.97 -17.73
C ASN A 314 5.45 -30.99 -16.41
N GLY A 315 4.80 -30.65 -15.30
CA GLY A 315 5.40 -30.78 -13.98
C GLY A 315 6.25 -29.63 -13.53
N SER A 316 6.26 -28.51 -14.24
CA SER A 316 7.03 -27.35 -13.79
C SER A 316 6.36 -26.66 -12.62
N LEU A 317 5.03 -26.73 -12.52
CA LEU A 317 4.26 -26.08 -11.48
C LEU A 317 3.66 -27.13 -10.57
N ASP A 318 3.74 -26.89 -9.25
CA ASP A 318 3.22 -27.84 -8.27
C ASP A 318 1.79 -27.52 -7.85
N TYR A 319 1.57 -26.33 -7.28
CA TYR A 319 0.27 -25.95 -6.76
C TYR A 319 -0.02 -24.50 -7.16
N ALA A 320 -1.31 -24.19 -7.28
CA ALA A 320 -1.73 -22.85 -7.66
C ALA A 320 -2.91 -22.43 -6.80
N THR A 321 -2.88 -21.18 -6.33
CA THR A 321 -3.97 -20.58 -5.56
C THR A 321 -4.41 -19.31 -6.25
N ALA A 322 -5.70 -19.19 -6.52
CA ALA A 322 -6.23 -18.01 -7.20
C ALA A 322 -7.66 -17.77 -6.77
N THR A 323 -8.11 -16.53 -6.94
CA THR A 323 -9.51 -16.19 -6.72
C THR A 323 -10.40 -16.83 -7.76
N SER A 324 -9.96 -16.87 -9.02
CA SER A 324 -10.76 -17.43 -10.10
C SER A 324 -9.83 -18.14 -11.08
N VAL A 325 -10.41 -19.08 -11.82
CA VAL A 325 -9.71 -19.75 -12.91
C VAL A 325 -10.45 -19.42 -14.20
N ARG A 326 -9.73 -18.87 -15.17
CA ARG A 326 -10.30 -18.34 -16.41
C ARG A 326 -9.66 -19.07 -17.58
N LEU A 327 -10.34 -20.10 -18.07
CA LEU A 327 -9.82 -20.93 -19.14
C LEU A 327 -10.94 -21.33 -20.09
N THR A 328 -10.56 -21.61 -21.34
CA THR A 328 -11.52 -21.75 -22.43
C THR A 328 -12.15 -23.14 -22.45
N GLU A 329 -12.94 -23.38 -23.49
CA GLU A 329 -13.66 -24.65 -23.63
C GLU A 329 -12.71 -25.83 -23.78
N LYS A 330 -11.66 -25.67 -24.59
CA LYS A 330 -10.64 -26.70 -24.65
C LYS A 330 -9.96 -26.86 -23.30
N GLY A 331 -9.81 -25.76 -22.55
CA GLY A 331 -9.35 -25.88 -21.18
C GLY A 331 -10.32 -26.66 -20.31
N PHE A 332 -11.62 -26.45 -20.51
CA PHE A 332 -12.62 -27.25 -19.80
C PHE A 332 -12.41 -28.74 -20.08
N ASP A 333 -12.25 -29.10 -21.36
CA ASP A 333 -12.05 -30.50 -21.71
C ASP A 333 -10.78 -31.05 -21.10
N ARG A 334 -9.69 -30.29 -21.19
CA ARG A 334 -8.41 -30.75 -20.65
C ARG A 334 -8.48 -30.95 -19.14
N ALA A 335 -9.12 -30.02 -18.42
CA ALA A 335 -9.17 -30.13 -16.97
C ALA A 335 -10.12 -31.22 -16.52
N PHE A 336 -11.31 -31.30 -17.10
CA PHE A 336 -12.30 -32.28 -16.66
C PHE A 336 -11.98 -33.69 -17.15
N ALA A 337 -11.14 -33.83 -18.18
CA ALA A 337 -10.64 -35.16 -18.52
C ALA A 337 -9.68 -35.69 -17.45
N ASN A 338 -9.13 -34.80 -16.63
CA ASN A 338 -8.20 -35.12 -15.55
C ASN A 338 -8.64 -34.44 -14.27
N TRP A 339 -9.92 -34.62 -13.92
CA TRP A 339 -10.52 -33.89 -12.80
C TRP A 339 -9.82 -34.21 -11.48
N GLU A 340 -9.50 -35.48 -11.24
CA GLU A 340 -8.89 -35.85 -9.96
C GLU A 340 -7.52 -35.21 -9.79
N ASN A 341 -6.71 -35.19 -10.86
CA ASN A 341 -5.40 -34.56 -10.76
C ASN A 341 -5.51 -33.05 -10.70
N PHE A 342 -6.49 -32.49 -11.42
CA PHE A 342 -6.68 -31.04 -11.43
C PHE A 342 -7.09 -30.54 -10.05
N LYS A 343 -7.93 -31.31 -9.34
CA LYS A 343 -8.42 -30.90 -8.04
C LYS A 343 -7.27 -30.75 -7.04
N HIS A 344 -6.34 -31.69 -7.05
CA HIS A 344 -5.25 -31.69 -6.07
C HIS A 344 -4.11 -30.75 -6.43
N ARG A 345 -4.27 -29.90 -7.44
CA ARG A 345 -3.20 -29.00 -7.84
C ARG A 345 -3.69 -27.56 -8.00
N LEU A 346 -4.93 -27.27 -7.61
CA LEU A 346 -5.47 -25.92 -7.65
C LEU A 346 -6.40 -25.72 -6.45
N CYS A 347 -6.31 -24.54 -5.84
CA CYS A 347 -7.19 -24.15 -4.75
C CYS A 347 -7.75 -22.77 -5.04
N LEU A 348 -9.07 -22.64 -4.98
CA LEU A 348 -9.75 -21.38 -5.24
C LEU A 348 -10.13 -20.72 -3.91
N ARG A 349 -9.73 -19.47 -3.75
CA ARG A 349 -9.95 -18.72 -2.53
C ARG A 349 -10.73 -17.45 -2.83
N SER A 350 -11.18 -16.78 -1.77
CA SER A 350 -11.82 -15.48 -1.92
C SER A 350 -10.79 -14.40 -2.21
N GLN A 351 -11.22 -13.35 -2.90
CA GLN A 351 -10.30 -12.29 -3.27
C GLN A 351 -9.78 -11.52 -2.07
N VAL A 352 -10.48 -11.56 -0.94
CA VAL A 352 -9.96 -10.93 0.27
C VAL A 352 -8.78 -11.71 0.81
N VAL A 353 -8.75 -13.03 0.60
CA VAL A 353 -7.63 -13.85 1.05
C VAL A 353 -6.50 -13.88 0.04
N SER A 354 -6.82 -14.02 -1.24
CA SER A 354 -5.79 -14.10 -2.27
C SER A 354 -4.97 -12.82 -2.35
N ASN A 355 -5.63 -11.66 -2.29
CA ASN A 355 -4.97 -10.37 -2.40
C ASN A 355 -4.63 -9.76 -1.04
N ASN A 356 -4.78 -10.52 0.03
CA ASN A 356 -4.53 -9.97 1.37
C ASN A 356 -3.06 -9.63 1.54
N PRO A 357 -2.73 -8.45 2.07
CA PRO A 357 -1.32 -8.15 2.35
C PRO A 357 -0.67 -9.15 3.29
N GLU A 358 -1.43 -9.72 4.22
CA GLU A 358 -0.86 -10.68 5.17
C GLU A 358 -0.28 -11.89 4.45
N MET A 359 -1.08 -12.54 3.61
CA MET A 359 -0.61 -13.74 2.93
C MET A 359 0.47 -13.42 1.91
N ILE A 360 0.31 -12.32 1.17
CA ILE A 360 1.30 -11.95 0.16
C ILE A 360 2.65 -11.68 0.80
N ARG A 361 2.67 -10.96 1.92
CA ARG A 361 3.93 -10.65 2.57
C ARG A 361 4.51 -11.85 3.31
N ARG A 362 3.65 -12.72 3.87
CA ARG A 362 4.15 -13.89 4.57
C ARG A 362 4.76 -14.90 3.60
N LEU A 363 4.13 -15.10 2.44
CA LEU A 363 4.59 -16.10 1.49
C LEU A 363 5.72 -15.63 0.59
N GLY A 364 6.06 -14.34 0.62
CA GLY A 364 7.09 -13.83 -0.26
C GLY A 364 6.73 -13.88 -1.72
N VAL A 365 5.51 -13.47 -2.07
CA VAL A 365 5.04 -13.55 -3.45
C VAL A 365 5.92 -12.68 -4.35
N ILE A 366 6.06 -13.10 -5.60
CA ILE A 366 6.76 -12.33 -6.63
C ILE A 366 5.70 -11.73 -7.54
N ALA A 367 5.64 -10.40 -7.56
CA ALA A 367 4.57 -9.68 -8.26
C ALA A 367 5.04 -9.22 -9.64
N MET A 368 4.18 -9.42 -10.64
CA MET A 368 4.46 -9.02 -12.02
C MET A 368 3.18 -8.47 -12.62
N ASN A 369 3.14 -7.14 -12.83
CA ASN A 369 1.97 -6.46 -13.37
C ASN A 369 2.40 -5.41 -14.38
N THR A 370 1.46 -5.03 -15.25
CA THR A 370 1.75 -4.19 -16.41
C THR A 370 1.21 -2.78 -16.18
N PRO A 371 2.06 -1.75 -16.30
CA PRO A 371 1.58 -0.37 -16.19
C PRO A 371 1.19 0.24 -17.52
N VAL A 372 0.38 1.29 -17.44
CA VAL A 372 0.15 2.15 -18.59
C VAL A 372 1.40 2.97 -18.90
N GLU A 373 2.02 3.54 -17.87
CA GLU A 373 3.24 4.31 -18.03
C GLU A 373 3.93 4.40 -16.68
N VAL A 374 5.26 4.48 -16.71
CA VAL A 374 6.08 4.67 -15.52
C VAL A 374 7.01 5.84 -15.79
N ASP A 375 6.99 6.84 -14.90
CA ASP A 375 7.91 7.95 -15.11
C ASP A 375 9.30 7.59 -14.62
N ILE A 376 10.24 8.52 -14.85
CA ILE A 376 11.64 8.26 -14.56
C ILE A 376 11.93 8.10 -13.07
N TYR A 377 10.98 8.44 -12.20
CA TYR A 377 11.16 8.29 -10.77
C TYR A 377 10.35 7.14 -10.19
N ALA A 378 9.95 6.18 -11.04
CA ALA A 378 9.38 4.90 -10.65
C ALA A 378 7.98 5.01 -10.06
N HIS A 379 7.22 6.03 -10.42
CA HIS A 379 5.79 6.07 -10.11
C HIS A 379 5.03 5.54 -11.32
N ALA A 380 4.10 4.63 -11.07
CA ALA A 380 3.47 3.87 -12.14
C ALA A 380 2.01 4.24 -12.29
N ASN A 381 1.55 4.31 -13.54
CA ASN A 381 0.16 4.54 -13.87
C ASN A 381 -0.45 3.24 -14.38
N SER A 382 -1.56 2.83 -13.77
CA SER A 382 -2.22 1.59 -14.14
C SER A 382 -3.64 1.78 -14.61
N THR A 383 -4.25 2.95 -14.39
CA THR A 383 -5.67 3.14 -14.63
C THR A 383 -5.98 4.21 -15.67
N ASN A 384 -5.39 5.40 -15.54
CA ASN A 384 -5.83 6.57 -16.28
C ASN A 384 -4.89 6.84 -17.45
N VAL A 385 -5.49 7.05 -18.63
CA VAL A 385 -4.75 7.49 -19.81
C VAL A 385 -4.74 9.01 -19.81
N ASN A 386 -3.55 9.60 -19.81
CA ASN A 386 -3.36 11.04 -19.72
C ASN A 386 -3.96 11.63 -18.44
N GLY A 387 -4.16 10.79 -17.42
CA GLY A 387 -4.66 11.23 -16.14
C GLY A 387 -6.16 11.32 -16.00
N SER A 388 -6.92 11.05 -17.07
CA SER A 388 -8.36 11.22 -17.00
C SER A 388 -9.16 10.01 -17.43
N ARG A 389 -8.70 9.28 -18.44
CA ARG A 389 -9.49 8.22 -19.07
C ARG A 389 -9.31 6.90 -18.34
N MET A 390 -10.39 6.39 -17.77
CA MET A 390 -10.36 5.07 -17.11
C MET A 390 -10.21 3.96 -18.14
N LEU A 391 -9.25 3.06 -17.90
CA LEU A 391 -9.09 1.89 -18.76
C LEU A 391 -9.80 0.67 -18.19
N ASN A 392 -9.34 0.19 -17.03
CA ASN A 392 -9.92 -1.00 -16.42
C ASN A 392 -10.12 -0.93 -14.91
N GLY A 393 -9.40 -0.08 -14.20
CA GLY A 393 -9.44 -0.09 -12.75
C GLY A 393 -8.14 -0.62 -12.16
N LEU A 394 -7.90 -0.23 -10.90
CA LEU A 394 -6.65 -0.57 -10.24
C LEU A 394 -6.48 -2.08 -10.08
N GLY A 395 -7.54 -2.77 -9.68
CA GLY A 395 -7.44 -4.20 -9.48
C GLY A 395 -6.56 -4.55 -8.29
N GLY A 396 -5.98 -5.74 -8.34
CA GLY A 396 -5.13 -6.24 -7.29
C GLY A 396 -3.66 -5.92 -7.42
N SER A 397 -3.28 -5.07 -8.39
CA SER A 397 -1.88 -4.73 -8.56
C SER A 397 -1.33 -4.00 -7.34
N ALA A 398 -2.08 -3.03 -6.82
CA ALA A 398 -1.59 -2.27 -5.67
C ALA A 398 -1.41 -3.17 -4.45
N ASP A 399 -2.31 -4.13 -4.25
CA ASP A 399 -2.18 -5.06 -3.14
C ASP A 399 -0.91 -5.90 -3.28
N PHE A 400 -0.60 -6.34 -4.49
CA PHE A 400 0.51 -7.27 -4.70
C PHE A 400 1.87 -6.60 -4.75
N LEU A 401 1.98 -5.38 -5.30
CA LEU A 401 3.30 -4.75 -5.41
C LEU A 401 3.83 -4.18 -4.10
N ARG A 402 2.97 -3.68 -3.21
CA ARG A 402 3.49 -3.16 -1.96
C ARG A 402 3.96 -4.27 -1.03
N ASN A 403 3.31 -5.42 -1.07
CA ASN A 403 3.56 -6.47 -0.09
C ASN A 403 4.55 -7.53 -0.59
N ALA A 404 4.65 -7.72 -1.91
CA ALA A 404 5.48 -8.76 -2.47
C ALA A 404 6.96 -8.60 -2.11
N LYS A 405 7.67 -9.72 -1.99
CA LYS A 405 9.11 -9.66 -1.80
C LYS A 405 9.79 -9.01 -2.99
N LEU A 406 9.40 -9.38 -4.20
CA LEU A 406 9.89 -8.79 -5.43
C LEU A 406 8.72 -8.15 -6.16
N SER A 407 8.80 -6.84 -6.39
CA SER A 407 7.80 -6.10 -7.14
C SER A 407 8.37 -5.79 -8.52
N ILE A 408 7.87 -6.48 -9.54
CA ILE A 408 8.35 -6.36 -10.90
C ILE A 408 7.22 -5.84 -11.76
N MET A 409 7.51 -4.85 -12.61
CA MET A 409 6.53 -4.34 -13.54
C MET A 409 7.10 -4.38 -14.94
N HIS A 410 6.35 -4.97 -15.87
CA HIS A 410 6.80 -5.18 -17.24
C HIS A 410 5.83 -4.50 -18.20
N ALA A 411 6.38 -3.70 -19.12
CA ALA A 411 5.58 -2.96 -20.08
C ALA A 411 6.40 -2.79 -21.35
N PRO A 412 5.75 -2.57 -22.49
CA PRO A 412 6.50 -2.21 -23.70
C PRO A 412 7.23 -0.90 -23.52
N SER A 413 8.38 -0.78 -24.19
CA SER A 413 9.16 0.45 -24.09
C SER A 413 8.47 1.62 -24.78
N ALA A 414 7.71 1.35 -25.85
CA ALA A 414 6.99 2.39 -26.55
C ALA A 414 5.79 1.79 -27.25
N ARG A 415 4.81 2.64 -27.56
CA ARG A 415 3.60 2.22 -28.23
C ARG A 415 3.31 3.13 -29.41
N PRO A 416 2.72 2.61 -30.47
CA PRO A 416 2.53 3.41 -31.68
C PRO A 416 1.30 4.30 -31.61
N THR A 417 1.30 5.31 -32.47
CA THR A 417 0.16 6.18 -32.70
C THR A 417 -0.20 6.15 -34.18
N LYS A 418 -1.16 7.00 -34.57
CA LYS A 418 -1.54 7.08 -35.98
C LYS A 418 -0.48 7.76 -36.82
N VAL A 419 0.38 8.57 -36.20
CA VAL A 419 1.39 9.32 -36.93
C VAL A 419 2.79 8.74 -36.77
N ASP A 420 3.15 8.29 -35.57
CA ASP A 420 4.50 7.83 -35.28
C ASP A 420 4.47 6.40 -34.78
N PRO A 421 5.24 5.49 -35.37
CA PRO A 421 5.29 4.11 -34.86
C PRO A 421 5.77 4.01 -33.43
N THR A 422 6.47 5.02 -32.91
CA THR A 422 6.88 5.09 -31.51
C THR A 422 6.41 6.40 -30.91
N GLY A 423 5.14 6.74 -31.14
CA GLY A 423 4.62 8.02 -30.72
C GLY A 423 4.35 8.14 -29.23
N ILE A 424 4.18 7.02 -28.54
CA ILE A 424 3.91 7.01 -27.10
C ILE A 424 5.08 6.36 -26.38
N SER A 425 5.60 7.04 -25.37
CA SER A 425 6.69 6.52 -24.56
C SER A 425 6.14 6.07 -23.21
N THR A 426 6.47 4.84 -22.83
CA THR A 426 6.08 4.36 -21.51
C THR A 426 6.84 5.08 -20.41
N ILE A 427 8.07 5.51 -20.68
CA ILE A 427 8.86 6.27 -19.72
C ILE A 427 8.64 7.75 -20.00
N VAL A 428 8.18 8.48 -18.99
CA VAL A 428 7.79 9.88 -19.14
C VAL A 428 8.47 10.69 -18.03
N PRO A 429 8.60 12.00 -18.20
CA PRO A 429 9.14 12.83 -17.12
C PRO A 429 8.34 12.74 -15.83
N MET A 430 7.01 12.68 -15.93
CA MET A 430 6.15 12.55 -14.76
C MET A 430 4.86 11.88 -15.19
N ALA A 431 4.42 10.89 -14.40
CA ALA A 431 3.19 10.19 -14.70
C ALA A 431 1.99 11.10 -14.41
N SER A 432 1.05 11.14 -15.36
CA SER A 432 -0.15 11.95 -15.19
C SER A 432 -1.07 11.41 -14.11
N HIS A 433 -0.86 10.18 -13.65
CA HIS A 433 -1.67 9.56 -12.62
C HIS A 433 -0.81 8.52 -11.92
N VAL A 434 -0.71 8.62 -10.61
CA VAL A 434 0.16 7.75 -9.82
C VAL A 434 -0.71 6.76 -9.07
N ASP A 435 -0.56 5.48 -9.40
CA ASP A 435 -1.23 4.39 -8.69
C ASP A 435 -0.27 3.58 -7.83
N GLN A 436 0.90 3.26 -8.35
CA GLN A 436 1.96 2.58 -7.61
C GLN A 436 3.13 3.54 -7.47
N THR A 437 3.42 3.95 -6.23
CA THR A 437 4.46 4.94 -6.00
C THR A 437 5.84 4.30 -6.07
N GLU A 438 6.87 5.14 -5.93
CA GLU A 438 8.24 4.68 -6.00
C GLU A 438 8.61 3.80 -4.80
N HIS A 439 7.81 3.79 -3.75
CA HIS A 439 8.06 2.96 -2.58
C HIS A 439 7.57 1.54 -2.75
N ASP A 440 6.84 1.25 -3.82
CA ASP A 440 6.37 -0.10 -4.10
C ASP A 440 7.21 -0.82 -5.14
N LEU A 441 7.73 -0.10 -6.12
CA LEU A 441 8.43 -0.71 -7.25
C LEU A 441 9.82 -1.16 -6.85
N ASP A 442 10.22 -2.33 -7.34
CA ASP A 442 11.56 -2.85 -7.19
C ASP A 442 12.26 -3.08 -8.51
N ILE A 443 11.58 -3.71 -9.48
CA ILE A 443 12.14 -4.03 -10.78
C ILE A 443 11.23 -3.45 -11.85
N LEU A 444 11.81 -2.80 -12.85
CA LEU A 444 11.09 -2.34 -14.03
C LEU A 444 11.70 -2.99 -15.25
N VAL A 445 10.86 -3.62 -16.07
CA VAL A 445 11.32 -4.42 -17.20
C VAL A 445 10.59 -3.95 -18.46
N THR A 446 11.35 -3.69 -19.52
CA THR A 446 10.79 -3.45 -20.85
C THR A 446 11.52 -4.34 -21.84
N ASP A 447 11.18 -4.20 -23.12
CA ASP A 447 11.87 -4.96 -24.15
C ASP A 447 13.28 -4.47 -24.39
N GLN A 448 13.67 -3.33 -23.81
CA GLN A 448 15.02 -2.80 -23.97
C GLN A 448 15.99 -3.30 -22.92
N GLY A 449 15.51 -3.57 -21.71
CA GLY A 449 16.39 -4.02 -20.65
C GLY A 449 15.64 -4.16 -19.33
N LEU A 450 16.41 -4.34 -18.27
CA LEU A 450 15.86 -4.50 -16.93
C LEU A 450 16.52 -3.48 -16.00
N ALA A 451 15.70 -2.72 -15.29
CA ALA A 451 16.16 -1.74 -14.32
C ALA A 451 15.95 -2.30 -12.92
N ASP A 452 17.01 -2.34 -12.12
CA ASP A 452 16.97 -2.82 -10.75
C ASP A 452 16.93 -1.60 -9.84
N LEU A 453 15.75 -1.29 -9.31
CA LEU A 453 15.51 -0.07 -8.57
C LEU A 453 15.54 -0.26 -7.05
N ARG A 454 16.06 -1.39 -6.57
CA ARG A 454 16.08 -1.68 -5.15
C ARG A 454 17.21 -0.91 -4.49
N GLY A 455 16.87 -0.08 -3.49
CA GLY A 455 17.87 0.67 -2.77
C GLY A 455 18.56 1.77 -3.55
N LEU A 456 17.82 2.50 -4.38
CA LEU A 456 18.37 3.57 -5.19
C LEU A 456 17.69 4.89 -4.89
N SER A 457 18.47 5.97 -4.90
CA SER A 457 17.93 7.31 -4.74
C SER A 457 17.21 7.74 -6.01
N PRO A 458 16.32 8.74 -5.94
CA PRO A 458 15.52 9.09 -7.12
C PRO A 458 16.34 9.44 -8.36
N LYS A 459 17.47 10.14 -8.21
CA LYS A 459 18.30 10.42 -9.37
C LYS A 459 18.94 9.15 -9.91
N GLU A 460 19.39 8.26 -9.02
CA GLU A 460 19.92 6.98 -9.46
C GLU A 460 18.84 6.15 -10.15
N ARG A 461 17.61 6.17 -9.61
CA ARG A 461 16.50 5.48 -10.26
C ARG A 461 16.26 6.04 -11.65
N ALA A 462 16.29 7.37 -11.79
CA ALA A 462 16.03 7.98 -13.09
C ALA A 462 17.10 7.60 -14.10
N ARG A 463 18.37 7.66 -13.69
CA ARG A 463 19.46 7.28 -14.59
C ARG A 463 19.34 5.81 -14.99
N GLU A 464 19.06 4.94 -14.03
CA GLU A 464 18.95 3.51 -14.32
C GLU A 464 17.79 3.23 -15.28
N ILE A 465 16.64 3.87 -15.04
CA ILE A 465 15.47 3.64 -15.89
C ILE A 465 15.72 4.16 -17.30
N ILE A 466 16.29 5.35 -17.43
CA ILE A 466 16.57 5.89 -18.76
C ILE A 466 17.58 5.03 -19.50
N ASN A 467 18.60 4.53 -18.78
CA ASN A 467 19.62 3.71 -19.44
C ASN A 467 19.06 2.37 -19.88
N LYS A 468 18.27 1.71 -19.04
CA LYS A 468 17.89 0.34 -19.31
C LYS A 468 16.55 0.21 -20.04
N CYS A 469 15.51 0.87 -19.54
CA CYS A 469 14.15 0.63 -20.01
C CYS A 469 13.67 1.62 -21.06
N ALA A 470 14.27 2.80 -21.16
CA ALA A 470 13.78 3.82 -22.08
C ALA A 470 14.09 3.44 -23.52
N HIS A 471 13.14 3.74 -24.41
CA HIS A 471 13.32 3.49 -25.83
C HIS A 471 14.42 4.40 -26.38
N PRO A 472 15.19 3.91 -27.36
CA PRO A 472 16.25 4.76 -27.94
C PRO A 472 15.75 6.07 -28.51
N ASP A 473 14.50 6.11 -29.00
CA ASP A 473 13.96 7.36 -29.55
C ASP A 473 13.67 8.39 -28.47
N TYR A 474 13.51 7.97 -27.21
CA TYR A 474 13.17 8.87 -26.13
C TYR A 474 14.29 9.01 -25.10
N GLN A 475 15.38 8.25 -25.24
CA GLN A 475 16.47 8.37 -24.28
C GLN A 475 17.07 9.76 -24.27
N ALA A 476 17.27 10.35 -25.45
CA ALA A 476 17.82 11.69 -25.52
C ALA A 476 16.91 12.71 -24.86
N LEU A 477 15.60 12.62 -25.13
CA LEU A 477 14.65 13.56 -24.55
C LEU A 477 14.61 13.43 -23.03
N LEU A 478 14.55 12.20 -22.53
CA LEU A 478 14.49 12.00 -21.08
C LEU A 478 15.78 12.45 -20.41
N THR A 479 16.94 12.17 -21.03
CA THR A 479 18.21 12.61 -20.47
C THR A 479 18.30 14.13 -20.45
N ASP A 480 17.86 14.79 -21.52
CA ASP A 480 17.88 16.26 -21.54
C ASP A 480 16.96 16.84 -20.47
N TYR A 481 15.76 16.27 -20.32
CA TYR A 481 14.84 16.74 -19.29
C TYR A 481 15.46 16.57 -17.91
N LEU A 482 16.06 15.40 -17.64
CA LEU A 482 16.64 15.15 -16.34
C LEU A 482 17.82 16.08 -16.07
N ASP A 483 18.65 16.35 -17.08
CA ASP A 483 19.78 17.25 -16.89
C ASP A 483 19.31 18.68 -16.61
N ARG A 484 18.31 19.16 -17.36
CA ARG A 484 17.79 20.50 -17.11
C ARG A 484 17.17 20.59 -15.72
N ALA A 485 16.41 19.57 -15.32
CA ALA A 485 15.80 19.57 -14.00
C ALA A 485 16.85 19.54 -12.90
N GLU A 486 17.93 18.76 -13.11
CA GLU A 486 19.01 18.72 -12.13
C GLU A 486 19.70 20.07 -12.00
N HIS A 487 19.92 20.76 -13.13
CA HIS A 487 20.53 22.09 -13.07
C HIS A 487 19.62 23.05 -12.32
N TYR A 488 18.32 23.04 -12.63
CA TYR A 488 17.38 23.93 -11.97
C TYR A 488 17.31 23.65 -10.48
N ALA A 489 17.30 22.36 -10.10
CA ALA A 489 17.26 22.01 -8.69
C ALA A 489 18.55 22.38 -7.97
N LYS A 490 19.69 22.27 -8.64
CA LYS A 490 20.93 22.76 -8.06
C LYS A 490 20.85 24.25 -7.81
N LYS A 491 20.20 25.00 -8.71
CA LYS A 491 20.00 26.42 -8.47
C LYS A 491 19.10 26.67 -7.26
N HIS A 492 18.05 25.86 -7.09
CA HIS A 492 17.02 26.13 -6.09
C HIS A 492 17.08 25.17 -4.89
N ASN A 493 18.16 24.41 -4.74
CA ASN A 493 18.39 23.57 -3.57
C ASN A 493 17.25 22.58 -3.34
N CYS A 494 16.84 21.90 -4.41
CA CYS A 494 15.83 20.85 -4.35
C CYS A 494 16.27 19.66 -5.19
N LEU A 495 17.51 19.24 -4.99
CA LEU A 495 18.16 18.26 -5.85
C LEU A 495 17.85 16.81 -5.47
N HIS A 496 16.95 16.59 -4.51
CA HIS A 496 16.60 15.23 -4.15
C HIS A 496 15.89 14.52 -5.29
N GLU A 497 14.74 15.06 -5.72
CA GLU A 497 13.96 14.52 -6.83
C GLU A 497 13.68 15.66 -7.80
N PRO A 498 14.70 16.07 -8.57
CA PRO A 498 14.56 17.26 -9.40
C PRO A 498 13.44 17.12 -10.43
N HIS A 499 12.71 18.21 -10.64
CA HIS A 499 11.61 18.25 -11.58
C HIS A 499 11.49 19.67 -12.15
N MET A 500 10.87 19.75 -13.32
CA MET A 500 10.43 21.02 -13.90
C MET A 500 8.92 20.93 -14.06
N LEU A 501 8.19 21.43 -13.06
CA LEU A 501 6.74 21.37 -13.09
C LEU A 501 6.16 22.11 -14.29
N LYS A 502 6.90 23.05 -14.85
CA LYS A 502 6.45 23.73 -16.05
C LYS A 502 6.52 22.81 -17.28
N ASN A 503 7.46 21.87 -17.29
CA ASN A 503 7.69 21.00 -18.43
C ASN A 503 7.34 19.54 -18.13
N ALA A 504 6.77 19.25 -16.96
CA ALA A 504 6.61 17.87 -16.52
C ALA A 504 5.67 17.10 -17.43
N PHE A 505 4.56 17.72 -17.83
CA PHE A 505 3.54 17.05 -18.63
C PHE A 505 3.61 17.43 -20.10
N LYS A 506 4.79 17.80 -20.61
CA LYS A 506 4.89 18.24 -21.98
C LYS A 506 4.79 17.10 -22.98
N PHE A 507 5.18 15.87 -22.60
CA PHE A 507 4.96 14.74 -23.50
C PHE A 507 3.47 14.54 -23.77
N HIS A 508 2.65 14.63 -22.72
CA HIS A 508 1.22 14.38 -22.90
C HIS A 508 0.55 15.49 -23.69
N THR A 509 0.88 16.75 -23.40
CA THR A 509 0.32 17.86 -24.16
C THR A 509 0.78 17.82 -25.62
N ASN A 510 2.05 17.45 -25.85
CA ASN A 510 2.54 17.34 -27.21
C ASN A 510 1.89 16.19 -27.95
N LEU A 511 1.59 15.09 -27.25
CA LEU A 511 0.82 14.01 -27.86
C LEU A 511 -0.57 14.47 -28.24
N ALA A 512 -1.21 15.25 -27.36
CA ALA A 512 -2.55 15.74 -27.63
C ALA A 512 -2.56 16.69 -28.84
N GLU A 513 -1.55 17.56 -28.94
CA GLU A 513 -1.60 18.60 -29.97
C GLU A 513 -1.02 18.14 -31.30
N LYS A 514 -0.03 17.24 -31.27
CA LYS A 514 0.67 16.84 -32.49
C LYS A 514 0.65 15.34 -32.76
N GLY A 515 0.13 14.53 -31.86
CA GLY A 515 0.05 13.11 -32.09
C GLY A 515 1.28 12.31 -31.72
N THR A 516 2.29 12.93 -31.12
CA THR A 516 3.50 12.23 -30.71
C THR A 516 4.09 12.91 -29.49
N MET A 517 4.66 12.11 -28.59
CA MET A 517 5.29 12.65 -27.39
C MET A 517 6.64 13.30 -27.66
N LYS A 518 7.22 13.10 -28.83
CA LYS A 518 8.54 13.64 -29.11
C LYS A 518 8.47 15.16 -29.22
N VAL A 519 8.93 15.85 -28.17
CA VAL A 519 8.84 17.30 -28.09
C VAL A 519 10.05 17.90 -28.80
N ASP A 520 9.82 19.00 -29.52
CA ASP A 520 10.92 19.65 -30.24
C ASP A 520 11.86 20.37 -29.27
N SER A 521 11.30 21.11 -28.32
CA SER A 521 12.12 21.86 -27.37
C SER A 521 11.32 22.08 -26.09
N TRP A 522 12.03 22.21 -24.98
CA TRP A 522 11.40 22.47 -23.70
C TRP A 522 11.26 23.97 -23.47
N GLU A 523 10.24 24.37 -22.72
CA GLU A 523 10.11 25.76 -22.33
C GLU A 523 11.20 26.13 -21.33
N PRO A 524 11.81 27.31 -21.45
CA PRO A 524 12.87 27.70 -20.53
C PRO A 524 12.35 27.84 -19.10
N VAL A 525 13.22 27.53 -18.15
CA VAL A 525 12.92 27.64 -16.73
C VAL A 525 13.96 28.54 -16.08
N ASP A 526 13.49 29.52 -15.32
CA ASP A 526 14.38 30.48 -14.68
C ASP A 526 15.22 29.82 -13.59
N MET B 1 42.44 1.08 33.77
CA MET B 1 41.06 1.53 33.73
C MET B 1 40.14 0.59 34.49
N THR B 2 39.11 1.14 35.14
CA THR B 2 38.16 0.38 35.91
C THR B 2 36.77 0.45 35.29
N ILE B 3 36.04 -0.64 35.38
CA ILE B 3 34.67 -0.72 34.89
C ILE B 3 33.73 -0.20 35.97
N SER B 4 32.72 0.55 35.57
CA SER B 4 31.81 1.17 36.52
C SER B 4 30.97 0.12 37.24
N ASN B 5 30.67 0.40 38.51
CA ASN B 5 29.81 -0.49 39.28
C ASN B 5 28.40 -0.50 38.70
N LEU B 6 27.93 0.65 38.23
CA LEU B 6 26.62 0.70 37.57
C LEU B 6 26.61 -0.17 36.32
N LEU B 7 27.68 -0.13 35.54
CA LEU B 7 27.76 -1.01 34.37
C LEU B 7 27.75 -2.46 34.78
N LYS B 8 28.46 -2.82 35.85
CA LYS B 8 28.40 -4.18 36.37
C LYS B 8 26.97 -4.57 36.72
N GLN B 9 26.22 -3.66 37.33
CA GLN B 9 24.83 -3.95 37.69
C GLN B 9 23.97 -4.17 36.44
N ARG B 10 24.17 -3.35 35.40
CA ARG B 10 23.31 -3.45 34.23
C ARG B 10 23.58 -4.70 33.41
N VAL B 11 24.84 -5.03 33.16
CA VAL B 11 25.18 -6.19 32.35
C VAL B 11 25.29 -7.42 33.26
N ARG B 12 24.54 -8.46 32.91
CA ARG B 12 24.51 -9.70 33.69
C ARG B 12 25.18 -10.86 32.99
N TYR B 13 25.89 -10.61 31.88
CA TYR B 13 26.64 -11.64 31.17
C TYR B 13 28.12 -11.46 31.50
N ALA B 14 28.70 -12.46 32.16
CA ALA B 14 30.09 -12.35 32.60
C ALA B 14 31.09 -12.15 31.47
N PRO B 15 31.04 -12.88 30.35
CA PRO B 15 32.04 -12.63 29.29
C PRO B 15 32.02 -11.23 28.72
N TYR B 16 30.88 -10.54 28.76
CA TYR B 16 30.80 -9.20 28.19
C TYR B 16 31.63 -8.18 28.94
N LEU B 17 31.97 -8.44 30.22
CA LEU B 17 32.80 -7.51 30.97
C LEU B 17 34.24 -7.50 30.49
N LYS B 18 34.64 -8.50 29.69
CA LYS B 18 35.97 -8.52 29.10
C LYS B 18 36.03 -7.74 27.79
N LYS B 19 34.89 -7.30 27.26
CA LYS B 19 34.84 -6.54 26.03
C LYS B 19 34.52 -5.06 26.25
N VAL B 20 34.66 -4.58 27.49
CA VAL B 20 34.36 -3.17 27.76
C VAL B 20 35.48 -2.30 27.22
N LYS B 21 35.12 -1.32 26.39
CA LYS B 21 36.08 -0.43 25.76
C LYS B 21 35.52 0.98 25.73
N GLU B 22 36.42 1.96 25.72
CA GLU B 22 36.02 3.34 25.57
C GLU B 22 35.63 3.63 24.12
N ALA B 23 34.87 4.70 23.93
CA ALA B 23 34.34 5.01 22.61
C ALA B 23 35.45 5.30 21.61
N HIS B 24 36.48 6.04 22.04
CA HIS B 24 37.57 6.39 21.15
C HIS B 24 38.44 5.19 20.76
N GLU B 25 38.29 4.05 21.44
CA GLU B 25 39.08 2.87 21.13
C GLU B 25 38.53 2.09 19.93
N LEU B 26 37.31 2.38 19.49
CA LEU B 26 36.71 1.69 18.36
C LEU B 26 36.93 2.39 17.03
N ILE B 27 37.71 3.46 17.01
CA ILE B 27 37.96 4.19 15.76
C ILE B 27 38.59 3.32 14.69
N PRO B 28 39.63 2.52 14.97
CA PRO B 28 40.24 1.73 13.88
C PRO B 28 39.29 0.75 13.21
N LEU B 29 38.20 0.36 13.87
CA LEU B 29 37.28 -0.61 13.27
C LEU B 29 36.50 -0.01 12.11
N PHE B 30 36.34 1.32 12.09
CA PHE B 30 35.50 1.97 11.10
C PHE B 30 36.33 2.45 9.92
N LYS B 31 35.86 2.13 8.71
CA LYS B 31 36.54 2.49 7.47
C LYS B 31 35.56 3.12 6.51
N ASN B 32 36.10 3.80 5.51
CA ASN B 32 35.26 4.48 4.52
C ASN B 32 34.42 3.48 3.75
N GLY B 33 33.17 3.87 3.47
CA GLY B 33 32.29 3.09 2.63
C GLY B 33 31.57 1.96 3.33
N GLN B 34 31.73 1.81 4.64
CA GLN B 34 31.09 0.71 5.35
C GLN B 34 29.59 0.96 5.50
N TYR B 35 28.85 -0.13 5.64
CA TYR B 35 27.42 -0.07 5.93
C TYR B 35 27.22 -0.16 7.44
N LEU B 36 26.63 0.87 8.03
CA LEU B 36 26.43 0.94 9.46
C LEU B 36 24.93 0.89 9.79
N GLY B 37 24.61 0.17 10.86
CA GLY B 37 23.25 0.11 11.38
C GLY B 37 23.20 0.70 12.76
N TRP B 38 22.17 1.50 13.02
CA TRP B 38 21.98 2.16 14.30
C TRP B 38 20.65 1.74 14.90
N SER B 39 20.66 1.43 16.20
CA SER B 39 19.40 1.26 16.90
C SER B 39 18.75 2.61 17.16
N GLY B 40 17.45 2.60 17.33
CA GLY B 40 16.75 3.83 17.65
C GLY B 40 15.58 4.14 16.74
N PHE B 41 14.77 5.12 17.14
CA PHE B 41 13.57 5.49 16.42
C PHE B 41 13.23 6.92 16.82
N THR B 42 12.79 7.72 15.84
CA THR B 42 12.31 9.10 16.03
C THR B 42 13.24 9.92 16.94
N GLY B 43 14.51 9.54 17.01
CA GLY B 43 15.48 10.29 17.78
C GLY B 43 15.70 9.83 19.21
N VAL B 44 15.08 8.72 19.62
CA VAL B 44 15.24 8.20 20.98
C VAL B 44 15.85 6.80 20.89
N GLY B 45 16.76 6.51 21.82
CA GLY B 45 17.42 5.22 21.85
C GLY B 45 18.57 5.05 20.90
N THR B 46 18.97 6.10 20.21
CA THR B 46 20.08 6.01 19.26
C THR B 46 21.41 5.98 20.01
N PRO B 47 22.42 5.31 19.46
CA PRO B 47 23.75 5.34 20.07
C PRO B 47 24.35 6.74 20.02
N LYS B 48 25.14 7.06 21.03
CA LYS B 48 25.71 8.40 21.12
C LYS B 48 27.22 8.41 21.30
N ALA B 49 27.78 7.45 22.04
CA ALA B 49 29.20 7.49 22.34
C ALA B 49 30.05 7.28 21.08
N VAL B 50 29.76 6.22 20.33
CA VAL B 50 30.52 5.89 19.13
C VAL B 50 30.35 6.96 18.04
N PRO B 51 29.14 7.44 17.74
CA PRO B 51 29.04 8.55 16.77
C PRO B 51 29.80 9.79 17.18
N GLU B 52 29.78 10.15 18.47
CA GLU B 52 30.55 11.30 18.91
C GLU B 52 32.05 11.07 18.80
N ALA B 53 32.50 9.84 19.10
CA ALA B 53 33.91 9.52 18.90
C ALA B 53 34.31 9.65 17.44
N LEU B 54 33.44 9.17 16.53
CA LEU B 54 33.72 9.30 15.11
C LEU B 54 33.77 10.75 14.67
N ILE B 55 32.84 11.58 15.17
CA ILE B 55 32.84 13.00 14.83
C ILE B 55 34.10 13.67 15.32
N ASP B 56 34.53 13.35 16.55
CA ASP B 56 35.75 13.93 17.09
C ASP B 56 36.97 13.50 16.28
N HIS B 57 37.01 12.22 15.88
CA HIS B 57 38.11 11.74 15.06
C HIS B 57 38.17 12.45 13.72
N VAL B 58 37.00 12.67 13.10
CA VAL B 58 36.96 13.38 11.82
C VAL B 58 37.41 14.82 12.00
N GLU B 59 36.98 15.48 13.08
CA GLU B 59 37.41 16.84 13.35
C GLU B 59 38.92 16.93 13.54
N LYS B 60 39.50 15.98 14.28
CA LYS B 60 40.91 16.06 14.63
C LYS B 60 41.80 15.87 13.40
N ASN B 61 41.47 14.89 12.55
CA ASN B 61 42.31 14.54 11.42
C ASN B 61 41.86 15.18 10.12
N ASN B 62 40.82 16.01 10.14
CA ASN B 62 40.30 16.70 8.95
C ASN B 62 39.93 15.69 7.87
N LEU B 63 38.99 14.81 8.20
CA LEU B 63 38.52 13.78 7.30
C LEU B 63 37.12 14.07 6.78
N GLN B 64 36.75 15.34 6.71
CA GLN B 64 35.42 15.72 6.23
C GLN B 64 35.29 15.36 4.75
N GLY B 65 34.39 14.42 4.46
CA GLY B 65 34.18 13.95 3.11
C GLY B 65 35.07 12.81 2.68
N LYS B 66 36.06 12.44 3.49
CA LYS B 66 36.95 11.32 3.18
C LYS B 66 36.64 10.08 4.01
N LEU B 67 35.91 10.22 5.10
CA LEU B 67 35.49 9.10 5.95
C LEU B 67 33.96 9.14 6.02
N ARG B 68 33.31 8.42 5.11
CA ARG B 68 31.86 8.44 4.98
C ARG B 68 31.32 7.01 5.04
N PHE B 69 30.09 6.90 5.52
CA PHE B 69 29.45 5.61 5.73
C PHE B 69 28.06 5.61 5.12
N ASN B 70 27.60 4.43 4.71
CA ASN B 70 26.21 4.24 4.31
C ASN B 70 25.40 3.96 5.56
N LEU B 71 24.64 4.96 6.02
CA LEU B 71 23.98 4.90 7.32
C LEU B 71 22.56 4.37 7.13
N PHE B 72 22.26 3.26 7.80
CA PHE B 72 20.92 2.69 7.83
C PHE B 72 20.42 2.71 9.27
N VAL B 73 19.29 3.40 9.50
CA VAL B 73 18.70 3.51 10.82
C VAL B 73 17.23 3.15 10.66
N GLY B 74 16.62 2.67 11.75
CA GLY B 74 15.22 2.31 11.70
C GLY B 74 14.32 3.48 11.34
N ALA B 75 14.62 4.66 11.88
CA ALA B 75 13.85 5.87 11.60
C ALA B 75 14.81 7.04 11.72
N SER B 76 14.26 8.24 11.91
CA SER B 76 15.10 9.41 12.15
C SER B 76 15.91 9.23 13.42
N ALA B 77 17.18 9.62 13.37
CA ALA B 77 18.04 9.61 14.53
C ALA B 77 18.02 11.00 15.19
N GLY B 78 18.72 11.13 16.31
CA GLY B 78 18.72 12.36 17.06
C GLY B 78 19.65 13.40 16.47
N PRO B 79 20.15 14.31 17.32
CA PRO B 79 21.11 15.31 16.83
C PRO B 79 22.42 14.71 16.37
N GLU B 80 22.72 13.47 16.75
CA GLU B 80 23.96 12.83 16.31
C GLU B 80 24.01 12.71 14.79
N GLU B 81 22.88 12.41 14.17
CA GLU B 81 22.83 12.30 12.72
C GLU B 81 23.01 13.66 12.04
N ASN B 82 22.55 14.74 12.68
CA ASN B 82 22.75 16.06 12.11
C ASN B 82 24.23 16.41 12.00
N ARG B 83 25.00 16.11 13.05
CA ARG B 83 26.43 16.41 13.03
C ARG B 83 27.17 15.52 12.03
N TRP B 84 26.61 14.36 11.71
CA TRP B 84 27.21 13.52 10.67
C TRP B 84 27.00 14.12 9.29
N ALA B 85 25.80 14.63 9.02
CA ALA B 85 25.54 15.27 7.73
C ALA B 85 26.28 16.59 7.61
N GLU B 86 26.47 17.31 8.72
CA GLU B 86 27.20 18.57 8.68
C GLU B 86 28.67 18.37 8.33
N HIS B 87 29.22 17.18 8.57
CA HIS B 87 30.61 16.88 8.26
C HIS B 87 30.77 16.03 7.01
N ASP B 88 29.68 15.79 6.28
CA ASP B 88 29.69 14.94 5.08
C ASP B 88 30.24 13.55 5.40
N MET B 89 29.66 12.91 6.41
CA MET B 89 30.03 11.57 6.81
C MET B 89 29.03 10.52 6.34
N ILE B 90 28.04 10.90 5.54
CA ILE B 90 27.00 9.98 5.09
C ILE B 90 27.03 9.93 3.57
N ILE B 91 27.08 8.72 3.02
CA ILE B 91 26.93 8.51 1.59
C ILE B 91 25.48 8.30 1.21
N LYS B 92 24.81 7.37 1.88
CA LYS B 92 23.41 7.08 1.64
C LYS B 92 22.69 6.99 2.99
N ARG B 93 21.42 7.41 2.99
CA ARG B 93 20.59 7.40 4.18
C ARG B 93 19.24 6.82 3.85
N ALA B 94 18.66 6.08 4.80
CA ALA B 94 17.34 5.48 4.62
C ALA B 94 16.81 5.08 5.99
N PRO B 95 15.48 5.11 6.18
CA PRO B 95 14.46 5.61 5.26
C PRO B 95 13.73 6.85 5.78
N HIS B 96 14.29 7.54 6.76
CA HIS B 96 13.57 8.63 7.41
C HIS B 96 14.58 9.51 8.15
N GLN B 97 14.27 10.79 8.22
CA GLN B 97 15.12 11.76 8.90
C GLN B 97 14.27 12.98 9.27
N VAL B 98 14.74 13.73 10.27
CA VAL B 98 14.00 14.90 10.75
C VAL B 98 14.89 16.12 10.83
N GLY B 99 16.21 15.92 10.76
CA GLY B 99 17.12 17.02 10.94
C GLY B 99 17.04 18.04 9.82
N LYS B 100 17.37 19.29 10.16
CA LYS B 100 17.49 20.31 9.12
C LYS B 100 18.79 20.21 8.35
N PRO B 101 19.96 20.03 8.98
CA PRO B 101 21.17 19.79 8.18
C PRO B 101 21.08 18.56 7.28
N ILE B 102 20.40 17.50 7.72
CA ILE B 102 20.27 16.32 6.87
C ILE B 102 19.47 16.65 5.62
N ALA B 103 18.35 17.36 5.78
CA ALA B 103 17.55 17.74 4.63
C ALA B 103 18.29 18.71 3.73
N LYS B 104 19.06 19.63 4.32
CA LYS B 104 19.86 20.55 3.52
C LYS B 104 20.89 19.81 2.68
N ALA B 105 21.56 18.81 3.28
CA ALA B 105 22.56 18.04 2.55
C ALA B 105 21.92 17.17 1.48
N ILE B 106 20.76 16.58 1.79
CA ILE B 106 20.07 15.73 0.82
C ILE B 106 19.61 16.55 -0.38
N ASN B 107 19.01 17.71 -0.12
CA ASN B 107 18.49 18.57 -1.19
C ASN B 107 19.59 19.29 -1.96
N GLN B 108 20.82 19.31 -1.44
CA GLN B 108 21.95 19.87 -2.17
C GLN B 108 22.74 18.80 -2.92
N GLY B 109 22.30 17.55 -2.89
CA GLY B 109 22.98 16.48 -3.59
C GLY B 109 24.17 15.89 -2.87
N ARG B 110 24.47 16.35 -1.65
CA ARG B 110 25.61 15.85 -0.91
C ARG B 110 25.36 14.46 -0.32
N ILE B 111 24.10 14.07 -0.14
CA ILE B 111 23.75 12.78 0.43
C ILE B 111 22.68 12.15 -0.46
N GLU B 112 22.86 10.88 -0.80
CA GLU B 112 21.85 10.13 -1.52
C GLU B 112 20.83 9.58 -0.53
N PHE B 113 19.56 9.88 -0.75
CA PHE B 113 18.51 9.50 0.19
C PHE B 113 17.38 8.83 -0.56
N PHE B 114 16.98 7.66 -0.08
CA PHE B 114 15.76 7.01 -0.53
C PHE B 114 14.95 6.60 0.68
N ASP B 115 13.67 6.98 0.69
CA ASP B 115 12.79 6.64 1.78
C ASP B 115 11.89 5.46 1.42
N LYS B 116 11.46 4.74 2.44
CA LYS B 116 10.78 3.46 2.25
C LYS B 116 9.83 3.25 3.42
N HIS B 117 8.83 2.39 3.21
CA HIS B 117 7.91 2.03 4.28
C HIS B 117 8.67 1.45 5.47
N LEU B 118 8.35 1.94 6.67
CA LEU B 118 9.08 1.55 7.86
C LEU B 118 8.89 0.08 8.21
N SER B 119 7.80 -0.53 7.78
CA SER B 119 7.61 -1.96 8.00
C SER B 119 8.40 -2.82 7.02
N MET B 120 8.80 -2.24 5.88
CA MET B 120 9.48 -3.00 4.84
C MET B 120 10.98 -2.74 4.78
N PHE B 121 11.47 -1.63 5.34
CA PHE B 121 12.90 -1.35 5.25
C PHE B 121 13.75 -2.40 5.94
N PRO B 122 13.50 -2.77 7.20
CA PRO B 122 14.30 -3.86 7.80
C PRO B 122 14.13 -5.20 7.08
N GLN B 123 12.92 -5.48 6.60
CA GLN B 123 12.68 -6.74 5.89
C GLN B 123 13.51 -6.80 4.62
N ASP B 124 13.42 -5.77 3.77
CA ASP B 124 14.18 -5.77 2.53
C ASP B 124 15.67 -5.66 2.78
N LEU B 125 16.08 -5.08 3.91
CA LEU B 125 17.48 -5.09 4.28
C LEU B 125 17.93 -6.51 4.62
N THR B 126 17.10 -7.28 5.31
CA THR B 126 17.44 -8.67 5.61
C THR B 126 17.48 -9.53 4.35
N TYR B 127 16.82 -9.11 3.27
CA TYR B 127 16.87 -9.84 2.01
C TYR B 127 18.11 -9.50 1.19
N GLY B 128 18.93 -8.55 1.64
CA GLY B 128 20.07 -8.12 0.86
C GLY B 128 19.74 -7.22 -0.31
N PHE B 129 18.57 -6.57 -0.29
CA PHE B 129 18.17 -5.73 -1.41
C PHE B 129 19.00 -4.46 -1.50
N TYR B 130 19.37 -3.87 -0.36
CA TYR B 130 20.06 -2.59 -0.34
C TYR B 130 21.57 -2.71 -0.33
N THR B 131 22.11 -3.92 -0.19
CA THR B 131 23.55 -4.17 -0.25
C THR B 131 23.87 -5.07 -1.44
N ARG B 132 23.25 -4.77 -2.59
CA ARG B 132 23.33 -5.65 -3.74
C ARG B 132 24.72 -5.67 -4.36
N GLU B 133 25.46 -4.58 -4.26
CA GLU B 133 26.77 -4.49 -4.91
C GLU B 133 27.89 -5.10 -4.08
N ARG B 134 27.64 -5.47 -2.83
CA ARG B 134 28.67 -6.11 -2.02
C ARG B 134 28.99 -7.50 -2.56
N LYS B 135 30.28 -7.84 -2.56
CA LYS B 135 30.75 -9.13 -3.06
C LYS B 135 31.26 -10.05 -1.97
N ASP B 136 31.28 -9.61 -0.71
CA ASP B 136 31.86 -10.36 0.38
C ASP B 136 30.82 -11.03 1.27
N ASN B 137 29.61 -11.24 0.77
CA ASN B 137 28.54 -11.97 1.45
C ASN B 137 28.10 -11.31 2.75
N LYS B 138 28.37 -10.02 2.92
CA LYS B 138 27.91 -9.30 4.10
C LYS B 138 26.72 -8.40 3.76
N ILE B 139 26.08 -7.88 4.79
CA ILE B 139 25.01 -6.91 4.63
C ILE B 139 25.38 -5.64 5.38
N LEU B 140 25.55 -5.74 6.69
CA LEU B 140 25.97 -4.63 7.53
C LEU B 140 27.32 -4.95 8.15
N ASP B 141 28.27 -4.02 8.03
CA ASP B 141 29.58 -4.24 8.62
C ASP B 141 29.51 -4.13 10.14
N TYR B 142 28.73 -3.19 10.65
CA TYR B 142 28.54 -3.03 12.09
C TYR B 142 27.12 -2.57 12.37
N THR B 143 26.54 -3.11 13.44
CA THR B 143 25.30 -2.61 14.00
C THR B 143 25.61 -2.02 15.36
N ILE B 144 25.28 -0.75 15.56
CA ILE B 144 25.55 -0.03 16.80
C ILE B 144 24.21 0.11 17.51
N ILE B 145 24.07 -0.55 18.64
CA ILE B 145 22.80 -0.62 19.36
C ILE B 145 23.01 -0.13 20.78
N GLU B 146 22.13 0.77 21.23
CA GLU B 146 22.13 1.23 22.60
C GLU B 146 21.29 0.27 23.46
N ALA B 147 21.81 -0.08 24.62
CA ALA B 147 21.14 -1.00 25.53
C ALA B 147 20.98 -0.37 26.90
N THR B 148 19.96 -0.80 27.62
CA THR B 148 19.77 -0.41 29.00
C THR B 148 20.19 -1.49 30.00
N ALA B 149 20.09 -2.75 29.60
CA ALA B 149 20.53 -3.86 30.43
C ALA B 149 20.83 -5.04 29.53
N ILE B 150 21.61 -5.98 30.04
CA ILE B 150 21.99 -7.18 29.30
C ILE B 150 21.61 -8.39 30.15
N LYS B 151 20.82 -9.30 29.58
CA LYS B 151 20.33 -10.44 30.33
C LYS B 151 21.47 -11.43 30.62
N GLU B 152 21.12 -12.53 31.28
CA GLU B 152 22.12 -13.50 31.69
C GLU B 152 22.63 -14.34 30.53
N ASP B 153 21.94 -14.33 29.39
CA ASP B 153 22.36 -15.08 28.21
C ASP B 153 23.05 -14.21 27.17
N GLY B 154 23.38 -12.96 27.50
CA GLY B 154 24.03 -12.07 26.58
C GLY B 154 23.12 -11.32 25.64
N SER B 155 21.80 -11.43 25.81
CA SER B 155 20.86 -10.73 24.95
C SER B 155 20.75 -9.26 25.36
N ILE B 156 20.35 -8.44 24.40
CA ILE B 156 20.25 -7.00 24.59
C ILE B 156 18.82 -6.63 24.98
N VAL B 157 18.69 -5.86 26.06
CA VAL B 157 17.42 -5.25 26.44
C VAL B 157 17.44 -3.79 25.95
N PRO B 158 16.61 -3.43 24.97
CA PRO B 158 16.72 -2.08 24.39
C PRO B 158 16.30 -0.98 25.36
N GLY B 159 16.32 0.26 24.88
CA GLY B 159 15.90 1.39 25.68
C GLY B 159 14.47 1.78 25.38
N PRO B 160 14.22 3.10 25.26
CA PRO B 160 12.86 3.57 24.96
C PRO B 160 12.43 3.32 23.52
N SER B 161 13.28 2.72 22.69
CA SER B 161 12.95 2.46 21.30
C SER B 161 13.48 1.10 20.90
N VAL B 162 12.78 0.47 19.96
CA VAL B 162 13.21 -0.79 19.37
C VAL B 162 13.63 -0.59 17.91
N GLY B 163 12.71 -0.11 17.07
CA GLY B 163 13.05 0.16 15.68
C GLY B 163 13.37 -1.10 14.91
N GLY B 164 14.41 -1.03 14.09
CA GLY B 164 14.85 -2.17 13.31
C GLY B 164 15.98 -2.93 13.97
N SER B 165 16.13 -2.74 15.29
CA SER B 165 17.22 -3.40 16.00
C SER B 165 17.24 -4.92 15.84
N PRO B 166 16.13 -5.65 15.91
CA PRO B 166 16.21 -7.11 15.69
C PRO B 166 16.79 -7.48 14.33
N GLU B 167 16.28 -6.87 13.26
CA GLU B 167 16.79 -7.18 11.92
C GLU B 167 18.26 -6.75 11.78
N PHE B 168 18.60 -5.58 12.33
CA PHE B 168 19.98 -5.11 12.24
C PHE B 168 20.93 -6.07 12.95
N ILE B 169 20.53 -6.57 14.12
CA ILE B 169 21.33 -7.56 14.83
C ILE B 169 21.42 -8.85 14.01
N THR B 170 20.32 -9.22 13.35
CA THR B 170 20.31 -10.45 12.57
C THR B 170 21.31 -10.38 11.42
N VAL B 171 21.36 -9.27 10.70
CA VAL B 171 22.15 -9.18 9.47
C VAL B 171 23.46 -8.42 9.68
N SER B 172 23.93 -8.30 10.91
CA SER B 172 25.17 -7.59 11.18
C SER B 172 26.34 -8.57 11.28
N ASP B 173 27.48 -8.17 10.70
CA ASP B 173 28.70 -8.97 10.86
C ASP B 173 29.25 -8.85 12.27
N LYS B 174 29.29 -7.64 12.82
CA LYS B 174 29.74 -7.38 14.17
C LYS B 174 28.76 -6.45 14.85
N VAL B 175 28.72 -6.51 16.18
CA VAL B 175 27.77 -5.76 16.98
C VAL B 175 28.53 -4.95 18.02
N ILE B 176 28.19 -3.67 18.14
CA ILE B 176 28.71 -2.80 19.18
C ILE B 176 27.54 -2.37 20.05
N ILE B 177 27.68 -2.56 21.36
CA ILE B 177 26.58 -2.31 22.30
C ILE B 177 26.99 -1.18 23.24
N GLU B 178 26.15 -0.15 23.32
CA GLU B 178 26.26 0.86 24.37
C GLU B 178 25.24 0.56 25.46
N VAL B 179 25.72 0.32 26.67
CA VAL B 179 24.85 0.12 27.82
C VAL B 179 24.63 1.50 28.45
N ASN B 180 23.42 2.04 28.27
CA ASN B 180 23.10 3.37 28.75
C ASN B 180 22.81 3.29 30.25
N THR B 181 23.77 3.70 31.06
CA THR B 181 23.64 3.64 32.51
C THR B 181 23.03 4.91 33.09
N ALA B 182 22.82 5.94 32.28
CA ALA B 182 22.21 7.18 32.74
C ALA B 182 20.69 7.14 32.72
N THR B 183 20.10 6.12 32.10
CA THR B 183 18.65 5.97 32.09
C THR B 183 18.25 4.67 32.79
N PRO B 184 17.14 4.67 33.52
CA PRO B 184 16.73 3.44 34.21
C PRO B 184 16.38 2.33 33.24
N SER B 185 16.55 1.10 33.69
CA SER B 185 16.35 -0.06 32.84
C SER B 185 14.90 -0.14 32.35
N PHE B 186 14.74 -0.37 31.05
CA PHE B 186 13.44 -0.54 30.44
C PHE B 186 13.04 -2.01 30.31
N GLU B 187 13.60 -2.88 31.15
CA GLU B 187 13.36 -4.31 31.04
C GLU B 187 11.91 -4.64 31.37
N GLY B 188 11.29 -5.46 30.51
CA GLY B 188 9.97 -5.99 30.76
C GLY B 188 8.89 -5.44 29.85
N ILE B 189 9.10 -4.29 29.22
CA ILE B 189 8.07 -3.67 28.39
C ILE B 189 8.31 -3.92 26.90
N HIS B 190 9.30 -4.73 26.55
CA HIS B 190 9.62 -5.01 25.15
C HIS B 190 9.04 -6.35 24.74
N ASP B 191 8.60 -6.42 23.48
CA ASP B 191 8.11 -7.65 22.86
C ASP B 191 8.84 -7.80 21.54
N ILE B 192 9.95 -8.53 21.55
CA ILE B 192 10.85 -8.62 20.41
C ILE B 192 10.44 -9.81 19.54
N ASP B 193 10.20 -9.54 18.26
CA ASP B 193 9.92 -10.58 17.28
C ASP B 193 11.14 -10.73 16.38
N MET B 194 11.85 -11.84 16.53
CA MET B 194 13.05 -12.06 15.73
C MET B 194 12.66 -12.39 14.30
N PRO B 195 13.23 -11.71 13.30
CA PRO B 195 12.76 -11.90 11.92
C PRO B 195 12.99 -13.31 11.41
N VAL B 196 12.04 -13.80 10.63
CA VAL B 196 12.14 -15.08 9.93
C VAL B 196 11.80 -14.83 8.47
N ASN B 197 12.62 -15.36 7.58
CA ASN B 197 12.42 -15.08 6.16
C ASN B 197 11.62 -16.21 5.49
N PRO B 198 10.92 -15.90 4.41
CA PRO B 198 10.15 -16.93 3.70
C PRO B 198 11.08 -18.00 3.13
N PRO B 199 10.57 -19.22 2.92
CA PRO B 199 9.20 -19.65 3.18
C PRO B 199 9.01 -20.30 4.55
N PHE B 200 9.53 -19.66 5.61
CA PHE B 200 9.47 -20.23 6.95
C PHE B 200 8.73 -19.32 7.92
N ARG B 201 7.82 -18.49 7.41
CA ARG B 201 7.13 -17.51 8.23
C ARG B 201 5.83 -18.08 8.79
N LYS B 202 5.54 -17.71 10.04
CA LYS B 202 4.34 -18.10 10.77
C LYS B 202 3.51 -16.86 11.11
N PRO B 203 2.21 -17.01 11.28
CA PRO B 203 1.37 -15.85 11.62
C PRO B 203 1.72 -15.30 13.00
N TYR B 204 1.55 -13.99 13.14
CA TYR B 204 1.66 -13.36 14.44
C TYR B 204 0.46 -13.76 15.29
N PRO B 205 0.65 -14.32 16.48
CA PRO B 205 -0.48 -14.78 17.29
C PRO B 205 -1.23 -13.68 18.03
N TYR B 206 -0.98 -12.42 17.71
CA TYR B 206 -1.57 -11.31 18.45
C TYR B 206 -3.01 -11.10 17.99
N LEU B 207 -3.93 -11.13 18.94
CA LEU B 207 -5.34 -10.82 18.69
C LEU B 207 -5.74 -9.46 19.23
N LYS B 208 -5.03 -8.96 20.24
CA LYS B 208 -5.35 -7.70 20.90
C LYS B 208 -4.12 -6.80 20.90
N VAL B 209 -4.27 -5.62 21.48
CA VAL B 209 -3.17 -4.69 21.59
C VAL B 209 -2.10 -5.20 22.55
N ASP B 210 -2.53 -5.86 23.62
CA ASP B 210 -1.63 -6.27 24.70
C ASP B 210 -1.18 -7.72 24.60
N ASP B 211 -1.43 -8.40 23.49
CA ASP B 211 -0.95 -9.76 23.32
C ASP B 211 0.55 -9.77 23.14
N LYS B 212 1.25 -10.63 23.88
CA LYS B 212 2.71 -10.65 23.90
C LYS B 212 3.24 -12.00 23.43
N CYS B 213 4.56 -12.13 23.44
CA CYS B 213 5.26 -13.36 23.09
C CYS B 213 6.09 -13.93 24.24
N GLY B 214 6.56 -13.08 25.15
CA GLY B 214 7.43 -13.49 26.23
C GLY B 214 8.90 -13.24 25.98
N VAL B 215 9.27 -12.77 24.79
CA VAL B 215 10.66 -12.46 24.45
C VAL B 215 10.83 -10.96 24.64
N ASP B 216 11.51 -10.57 25.72
CA ASP B 216 11.74 -9.18 26.04
C ASP B 216 13.19 -8.77 25.85
N SER B 217 13.92 -9.46 24.97
CA SER B 217 15.31 -9.14 24.70
C SER B 217 15.63 -9.59 23.28
N ILE B 218 16.69 -9.01 22.71
CA ILE B 218 17.13 -9.32 21.36
C ILE B 218 18.25 -10.34 21.45
N PRO B 219 18.05 -11.58 21.00
CA PRO B 219 19.14 -12.56 21.04
C PRO B 219 20.25 -12.19 20.07
N VAL B 220 21.48 -12.29 20.57
CA VAL B 220 22.66 -12.00 19.76
C VAL B 220 23.67 -13.13 19.97
N ASP B 221 24.50 -13.35 18.97
CA ASP B 221 25.60 -14.28 19.11
C ASP B 221 26.67 -13.63 19.97
N PRO B 222 27.06 -14.22 21.10
CA PRO B 222 28.06 -13.58 21.97
C PRO B 222 29.39 -13.35 21.29
N GLU B 223 29.73 -14.14 20.27
CA GLU B 223 30.98 -13.94 19.55
C GLU B 223 30.91 -12.75 18.60
N LYS B 224 29.70 -12.40 18.12
CA LYS B 224 29.56 -11.24 17.24
C LYS B 224 29.89 -9.94 17.95
N VAL B 225 29.56 -9.83 19.23
CA VAL B 225 29.78 -8.59 19.96
C VAL B 225 31.27 -8.36 20.13
N VAL B 226 31.75 -7.20 19.71
CA VAL B 226 33.17 -6.89 19.77
C VAL B 226 33.51 -5.89 20.88
N ALA B 227 32.56 -5.08 21.32
CA ALA B 227 32.86 -4.07 22.33
C ALA B 227 31.60 -3.72 23.10
N ILE B 228 31.80 -3.33 24.35
CA ILE B 228 30.74 -2.83 25.22
C ILE B 228 31.16 -1.45 25.69
N VAL B 229 30.42 -0.43 25.27
CA VAL B 229 30.75 0.97 25.57
C VAL B 229 29.74 1.49 26.57
N GLU B 230 30.23 2.14 27.62
CA GLU B 230 29.35 2.72 28.63
C GLU B 230 28.92 4.10 28.18
N SER B 231 27.61 4.33 28.10
CA SER B 231 27.05 5.60 27.68
C SER B 231 26.33 6.24 28.86
N THR B 232 26.61 7.53 29.09
CA THR B 232 26.01 8.28 30.19
C THR B 232 25.18 9.47 29.70
N MET B 233 24.85 9.50 28.42
CA MET B 233 24.17 10.64 27.80
C MET B 233 22.72 10.27 27.52
N ARG B 234 21.80 11.15 27.93
CA ARG B 234 20.37 10.94 27.74
C ARG B 234 19.93 11.44 26.37
N ASP B 235 18.75 10.98 25.96
CA ASP B 235 18.12 11.47 24.75
C ASP B 235 17.72 12.93 24.91
N GLN B 236 17.85 13.70 23.83
CA GLN B 236 17.51 15.12 23.82
C GLN B 236 16.23 15.29 23.01
N VAL B 237 15.10 15.18 23.69
CA VAL B 237 13.78 15.30 23.08
C VAL B 237 13.32 16.75 23.23
N PRO B 238 12.97 17.45 22.15
CA PRO B 238 12.50 18.82 22.29
C PRO B 238 11.16 18.87 23.01
N PRO B 239 10.87 19.95 23.74
CA PRO B 239 9.57 20.07 24.39
C PRO B 239 8.44 20.08 23.37
N ASN B 240 7.30 19.51 23.77
CA ASN B 240 6.15 19.45 22.89
C ASN B 240 5.58 20.82 22.61
N THR B 241 4.96 20.97 21.45
CA THR B 241 4.37 22.24 21.02
C THR B 241 2.90 22.30 21.42
N PRO B 242 2.48 23.33 22.16
CA PRO B 242 1.06 23.43 22.53
C PRO B 242 0.18 23.59 21.30
N SER B 243 -1.02 23.01 21.38
CA SER B 243 -1.97 23.07 20.28
C SER B 243 -2.54 24.47 20.14
N ASP B 244 -2.79 24.82 18.86
CA ASP B 244 -3.30 26.16 18.50
C ASP B 244 -4.71 26.01 17.97
N ASP B 245 -5.41 27.07 17.70
CA ASP B 245 -6.77 26.99 17.36
C ASP B 245 -7.08 26.53 16.01
N MET B 246 -6.11 26.02 15.30
CA MET B 246 -6.36 25.49 13.95
C MET B 246 -6.39 24.01 14.20
N SER B 247 -5.56 23.55 15.14
CA SER B 247 -5.51 22.14 15.52
C SER B 247 -6.69 21.77 16.40
N ARG B 248 -7.15 22.68 17.25
CA ARG B 248 -8.32 22.41 18.08
C ARG B 248 -9.58 22.30 17.22
N ALA B 249 -9.70 23.11 16.17
CA ALA B 249 -10.82 22.97 15.25
C ALA B 249 -10.78 21.63 14.53
N ILE B 250 -9.59 21.21 14.10
CA ILE B 250 -9.45 19.90 13.47
C ILE B 250 -9.86 18.80 14.45
N ALA B 251 -9.41 18.91 15.70
CA ALA B 251 -9.76 17.91 16.71
C ALA B 251 -11.25 17.88 16.98
N GLY B 252 -11.90 19.04 17.01
CA GLY B 252 -13.34 19.08 17.20
C GLY B 252 -14.10 18.41 16.05
N HIS B 253 -13.66 18.69 14.82
CA HIS B 253 -14.27 18.02 13.67
C HIS B 253 -14.10 16.52 13.76
N LEU B 254 -12.90 16.06 14.12
CA LEU B 254 -12.66 14.62 14.24
C LEU B 254 -13.48 14.00 15.35
N VAL B 255 -13.64 14.70 16.47
CA VAL B 255 -14.43 14.19 17.58
C VAL B 255 -15.90 14.06 17.20
N GLU B 256 -16.43 15.07 16.49
CA GLU B 256 -17.81 14.97 16.01
C GLU B 256 -17.96 13.81 15.03
N PHE B 257 -16.98 13.63 14.15
CA PHE B 257 -17.03 12.51 13.21
C PHE B 257 -17.01 11.17 13.94
N PHE B 258 -16.20 11.04 14.98
CA PHE B 258 -16.13 9.80 15.74
C PHE B 258 -17.44 9.54 16.50
N ARG B 259 -18.03 10.60 17.05
CA ARG B 259 -19.35 10.45 17.68
C ARG B 259 -20.39 9.97 16.68
N ASN B 260 -20.38 10.54 15.47
CA ASN B 260 -21.32 10.10 14.45
C ASN B 260 -21.07 8.65 14.07
N GLU B 261 -19.81 8.24 13.95
CA GLU B 261 -19.49 6.87 13.59
C GLU B 261 -19.95 5.90 14.66
N VAL B 262 -19.74 6.23 15.94
CA VAL B 262 -20.19 5.37 17.02
C VAL B 262 -21.71 5.32 17.08
N LYS B 263 -22.36 6.44 16.76
CA LYS B 263 -23.83 6.49 16.79
C LYS B 263 -24.43 5.54 15.75
N HIS B 264 -23.80 5.42 14.60
CA HIS B 264 -24.29 4.57 13.52
C HIS B 264 -23.81 3.13 13.62
N GLY B 265 -23.02 2.80 14.64
CA GLY B 265 -22.55 1.45 14.83
C GLY B 265 -21.34 1.06 14.00
N ARG B 266 -20.83 1.97 13.17
CA ARG B 266 -19.66 1.66 12.36
C ARG B 266 -18.38 1.58 13.19
N LEU B 267 -18.41 2.07 14.42
CA LEU B 267 -17.31 1.91 15.37
C LEU B 267 -17.90 1.54 16.73
N PRO B 268 -17.19 0.73 17.51
CA PRO B 268 -17.67 0.43 18.86
C PRO B 268 -17.56 1.64 19.78
N GLU B 269 -18.30 1.59 20.88
CA GLU B 269 -18.34 2.71 21.82
C GLU B 269 -16.95 3.02 22.37
N ASN B 270 -16.07 2.03 22.40
CA ASN B 270 -14.70 2.22 22.85
C ASN B 270 -13.75 2.53 21.71
N LEU B 271 -14.28 2.73 20.50
CA LEU B 271 -13.48 2.93 19.29
C LEU B 271 -12.54 1.77 19.04
N LEU B 272 -11.53 1.98 18.23
CA LEU B 272 -10.57 0.95 17.84
C LEU B 272 -9.16 1.45 18.11
N PRO B 273 -8.12 0.63 17.93
CA PRO B 273 -6.75 1.13 18.12
C PRO B 273 -6.48 2.36 17.26
N LEU B 274 -5.82 3.35 17.86
CA LEU B 274 -5.57 4.63 17.22
C LEU B 274 -4.11 4.75 16.84
N GLN B 275 -3.85 5.53 15.79
CA GLN B 275 -2.48 5.79 15.32
C GLN B 275 -2.27 7.31 15.33
N SER B 276 -1.86 7.82 16.49
CA SER B 276 -1.57 9.24 16.65
C SER B 276 -0.17 9.39 17.23
N GLY B 277 0.55 10.39 16.73
CA GLY B 277 1.94 10.56 17.11
C GLY B 277 2.31 11.97 17.51
N ILE B 278 3.33 12.53 16.87
CA ILE B 278 3.84 13.85 17.20
C ILE B 278 3.10 14.90 16.39
N GLY B 279 3.23 16.16 16.82
CA GLY B 279 2.60 17.27 16.12
C GLY B 279 1.54 17.96 16.94
N ASN B 280 1.32 19.25 16.67
CA ASN B 280 0.28 19.98 17.40
C ASN B 280 -1.09 19.39 17.16
N ILE B 281 -1.37 18.99 15.91
CA ILE B 281 -2.67 18.39 15.59
C ILE B 281 -2.89 17.07 16.30
N ALA B 282 -1.85 16.23 16.43
CA ALA B 282 -1.98 14.97 17.14
C ALA B 282 -2.31 15.19 18.62
N ASN B 283 -1.60 16.12 19.27
CA ASN B 283 -1.91 16.43 20.65
C ASN B 283 -3.32 17.00 20.79
N ALA B 284 -3.72 17.86 19.86
CA ALA B 284 -5.06 18.42 19.90
C ALA B 284 -6.13 17.34 19.76
N VAL B 285 -5.91 16.39 18.84
CA VAL B 285 -6.86 15.30 18.66
C VAL B 285 -6.93 14.43 19.90
N ILE B 286 -5.78 14.14 20.51
CA ILE B 286 -5.76 13.34 21.73
C ILE B 286 -6.52 14.05 22.85
N GLU B 287 -6.29 15.35 23.01
CA GLU B 287 -7.00 16.10 24.05
C GLU B 287 -8.49 16.15 23.76
N GLY B 288 -8.87 16.30 22.50
CA GLY B 288 -10.29 16.31 22.15
C GLY B 288 -10.97 14.99 22.43
N LEU B 289 -10.29 13.88 22.13
CA LEU B 289 -10.84 12.57 22.47
C LEU B 289 -10.93 12.38 23.97
N ALA B 290 -9.94 12.90 24.72
CA ALA B 290 -9.98 12.82 26.17
C ALA B 290 -11.18 13.59 26.73
N GLY B 291 -11.44 14.79 26.20
CA GLY B 291 -12.55 15.59 26.64
C GLY B 291 -13.90 15.19 26.05
N ALA B 292 -13.91 14.18 25.19
CA ALA B 292 -15.13 13.70 24.57
C ALA B 292 -15.78 12.55 25.34
N GLN B 293 -15.28 12.25 26.54
CA GLN B 293 -15.79 11.17 27.38
C GLN B 293 -15.67 9.81 26.72
N PHE B 294 -14.62 9.62 25.93
CA PHE B 294 -14.28 8.30 25.42
C PHE B 294 -13.43 7.56 26.45
N LYS B 295 -13.76 6.30 26.70
CA LYS B 295 -13.09 5.52 27.72
C LYS B 295 -12.63 4.19 27.14
N HIS B 296 -11.65 3.59 27.81
CA HIS B 296 -11.10 2.29 27.44
C HIS B 296 -10.55 2.31 26.02
N LEU B 297 -9.86 3.39 25.66
CA LEU B 297 -9.22 3.48 24.37
C LEU B 297 -7.98 2.60 24.32
N THR B 298 -7.57 2.26 23.10
CA THR B 298 -6.34 1.51 22.87
C THR B 298 -5.58 2.18 21.74
N VAL B 299 -4.25 2.09 21.79
CA VAL B 299 -3.37 2.76 20.84
C VAL B 299 -2.41 1.74 20.24
N TRP B 300 -2.33 1.70 18.92
CA TRP B 300 -1.38 0.89 18.18
C TRP B 300 -0.73 1.82 17.16
N THR B 301 0.34 2.50 17.56
CA THR B 301 0.98 3.53 16.76
C THR B 301 2.47 3.24 16.63
N GLU B 302 3.19 4.23 16.10
CA GLU B 302 4.65 4.18 15.99
C GLU B 302 5.34 4.77 17.21
N VAL B 303 4.91 5.96 17.63
CA VAL B 303 5.59 6.72 18.67
C VAL B 303 4.56 7.25 19.66
N LEU B 304 4.84 7.13 20.95
CA LEU B 304 4.08 7.80 21.99
C LEU B 304 4.80 9.05 22.48
N GLN B 305 4.01 10.02 22.93
CA GLN B 305 4.50 11.25 23.53
C GLN B 305 4.14 11.26 25.02
N ASP B 306 4.42 12.37 25.69
CA ASP B 306 3.98 12.57 27.06
C ASP B 306 2.48 12.82 27.16
N SER B 307 1.82 13.11 26.04
CA SER B 307 0.39 13.34 26.01
C SER B 307 -0.38 12.11 26.46
N PHE B 308 -0.01 10.94 25.94
CA PHE B 308 -0.71 9.70 26.25
C PHE B 308 -0.56 9.34 27.73
N LEU B 309 0.49 9.84 28.39
CA LEU B 309 0.62 9.61 29.82
C LEU B 309 -0.52 10.23 30.61
N ASP B 310 -1.03 11.38 30.18
CA ASP B 310 -2.21 11.97 30.80
C ASP B 310 -3.41 11.05 30.67
N LEU B 311 -3.56 10.45 29.49
CA LEU B 311 -4.63 9.47 29.26
C LEU B 311 -4.46 8.26 30.16
N PHE B 312 -3.21 7.83 30.36
CA PHE B 312 -2.94 6.73 31.29
C PHE B 312 -3.37 7.10 32.70
N GLU B 313 -3.06 8.33 33.12
CA GLU B 313 -3.36 8.73 34.49
C GLU B 313 -4.85 8.90 34.72
N ASN B 314 -5.56 9.54 33.79
CA ASN B 314 -6.97 9.83 33.98
C ASN B 314 -7.88 8.67 33.58
N GLY B 315 -7.33 7.58 33.04
CA GLY B 315 -8.10 6.39 32.75
C GLY B 315 -8.80 6.36 31.41
N SER B 316 -8.55 7.33 30.53
CA SER B 316 -9.16 7.30 29.21
C SER B 316 -8.54 6.22 28.33
N LEU B 317 -7.25 5.92 28.53
CA LEU B 317 -6.52 5.00 27.69
C LEU B 317 -6.12 3.77 28.51
N ASP B 318 -6.31 2.59 27.93
CA ASP B 318 -6.04 1.33 28.61
C ASP B 318 -4.65 0.78 28.31
N TYR B 319 -4.35 0.52 27.04
CA TYR B 319 -3.07 -0.05 26.65
C TYR B 319 -2.56 0.69 25.41
N ALA B 320 -1.23 0.69 25.26
CA ALA B 320 -0.59 1.35 24.13
C ALA B 320 0.53 0.48 23.59
N THR B 321 0.61 0.38 22.27
CA THR B 321 1.70 -0.31 21.58
C THR B 321 2.37 0.64 20.61
N ALA B 322 3.69 0.74 20.69
CA ALA B 322 4.43 1.60 19.79
C ALA B 322 5.83 1.04 19.60
N THR B 323 6.45 1.44 18.49
CA THR B 323 7.85 1.11 18.27
C THR B 323 8.77 1.82 19.26
N SER B 324 8.46 3.07 19.59
CA SER B 324 9.26 3.85 20.51
C SER B 324 8.36 4.72 21.36
N VAL B 325 8.87 5.12 22.51
CA VAL B 325 8.21 6.08 23.39
C VAL B 325 9.10 7.31 23.48
N ARG B 326 8.56 8.47 23.12
CA ARG B 326 9.33 9.71 22.98
C ARG B 326 8.69 10.77 23.86
N LEU B 327 9.22 10.94 25.06
CA LEU B 327 8.66 11.87 26.03
C LEU B 327 9.79 12.47 26.87
N THR B 328 9.50 13.64 27.45
CA THR B 328 10.51 14.51 28.01
C THR B 328 10.99 14.01 29.38
N GLU B 329 11.93 14.76 29.97
CA GLU B 329 12.53 14.37 31.24
C GLU B 329 11.52 14.40 32.38
N LYS B 330 10.65 15.42 32.42
CA LYS B 330 9.56 15.42 33.39
C LYS B 330 8.65 14.21 33.15
N GLY B 331 8.45 13.85 31.89
CA GLY B 331 7.75 12.61 31.60
C GLY B 331 8.47 11.39 32.12
N PHE B 332 9.81 11.39 32.02
CA PHE B 332 10.59 10.29 32.60
C PHE B 332 10.32 10.18 34.10
N ASP B 333 10.34 11.31 34.81
CA ASP B 333 10.10 11.30 36.25
C ASP B 333 8.69 10.80 36.55
N ARG B 334 7.70 11.28 35.80
CA ARG B 334 6.31 10.88 36.02
C ARG B 334 6.12 9.39 35.78
N ALA B 335 6.73 8.86 34.71
CA ALA B 335 6.55 7.46 34.36
C ALA B 335 7.28 6.54 35.34
N PHE B 336 8.53 6.87 35.68
CA PHE B 336 9.31 5.98 36.53
C PHE B 336 9.03 6.18 38.02
N ALA B 337 8.30 7.23 38.39
CA ALA B 337 7.77 7.28 39.75
C ALA B 337 6.68 6.24 39.95
N ASN B 338 6.04 5.83 38.87
CA ASN B 338 4.99 4.81 38.86
C ASN B 338 5.33 3.73 37.83
N TRP B 339 6.56 3.22 37.92
CA TRP B 339 7.07 2.28 36.93
C TRP B 339 6.18 1.04 36.80
N GLU B 340 5.63 0.55 37.92
CA GLU B 340 4.81 -0.66 37.86
C GLU B 340 3.53 -0.43 37.08
N ASN B 341 2.87 0.70 37.28
CA ASN B 341 1.62 0.97 36.56
C ASN B 341 1.86 1.40 35.11
N PHE B 342 3.08 1.84 34.78
CA PHE B 342 3.42 2.24 33.42
C PHE B 342 3.91 1.06 32.60
N LYS B 343 4.56 0.10 33.23
CA LYS B 343 5.01 -1.13 32.59
C LYS B 343 3.84 -1.97 32.13
N HIS B 344 2.76 -1.97 32.90
CA HIS B 344 1.61 -2.82 32.64
C HIS B 344 0.62 -2.23 31.64
N ARG B 345 0.90 -1.05 31.10
CA ARG B 345 0.02 -0.45 30.10
C ARG B 345 0.78 0.13 28.93
N LEU B 346 1.99 -0.36 28.66
CA LEU B 346 2.73 -0.01 27.45
C LEU B 346 3.55 -1.21 27.00
N CYS B 347 3.50 -1.49 25.71
CA CYS B 347 4.30 -2.56 25.11
C CYS B 347 5.08 -1.98 23.94
N LEU B 348 6.39 -2.18 23.94
CA LEU B 348 7.27 -1.69 22.88
C LEU B 348 7.61 -2.83 21.94
N ARG B 349 7.34 -2.62 20.66
CA ARG B 349 7.53 -3.64 19.64
C ARG B 349 8.50 -3.13 18.57
N SER B 350 8.92 -4.03 17.70
CA SER B 350 9.75 -3.65 16.57
C SER B 350 8.89 -2.96 15.51
N GLN B 351 9.53 -2.09 14.72
CA GLN B 351 8.80 -1.34 13.70
C GLN B 351 8.26 -2.25 12.59
N VAL B 352 8.83 -3.44 12.42
CA VAL B 352 8.28 -4.38 11.46
C VAL B 352 6.94 -4.91 11.93
N VAL B 353 6.75 -5.03 13.24
CA VAL B 353 5.48 -5.52 13.80
C VAL B 353 4.48 -4.39 13.97
N SER B 354 4.92 -3.23 14.48
CA SER B 354 4.00 -2.12 14.71
C SER B 354 3.38 -1.63 13.40
N ASN B 355 4.19 -1.50 12.36
CA ASN B 355 3.73 -0.99 11.07
C ASN B 355 3.33 -2.09 10.10
N ASN B 356 3.26 -3.33 10.55
CA ASN B 356 2.95 -4.44 9.66
C ASN B 356 1.52 -4.30 9.13
N PRO B 357 1.30 -4.45 7.82
CA PRO B 357 -0.08 -4.46 7.32
C PRO B 357 -0.95 -5.52 7.95
N GLU B 358 -0.37 -6.67 8.32
CA GLU B 358 -1.16 -7.74 8.92
C GLU B 358 -1.83 -7.29 10.21
N MET B 359 -1.03 -6.76 11.15
CA MET B 359 -1.58 -6.35 12.44
C MET B 359 -2.49 -5.14 12.30
N ILE B 360 -2.11 -4.18 11.47
CA ILE B 360 -2.92 -2.98 11.28
C ILE B 360 -4.29 -3.34 10.72
N ARG B 361 -4.33 -4.22 9.72
CA ARG B 361 -5.61 -4.60 9.13
C ARG B 361 -6.41 -5.53 10.02
N ARG B 362 -5.74 -6.40 10.79
CA ARG B 362 -6.46 -7.30 11.69
C ARG B 362 -7.10 -6.54 12.84
N LEU B 363 -6.39 -5.57 13.40
CA LEU B 363 -6.88 -4.85 14.57
C LEU B 363 -7.84 -3.73 14.23
N GLY B 364 -8.00 -3.39 12.95
CA GLY B 364 -8.86 -2.28 12.59
C GLY B 364 -8.34 -0.94 13.06
N VAL B 365 -7.04 -0.69 12.91
CA VAL B 365 -6.44 0.54 13.42
C VAL B 365 -7.05 1.75 12.71
N ILE B 366 -7.13 2.86 13.43
CA ILE B 366 -7.60 4.14 12.89
C ILE B 366 -6.36 5.01 12.70
N ALA B 367 -6.04 5.32 11.45
CA ALA B 367 -4.82 6.03 11.10
C ALA B 367 -5.10 7.52 10.94
N MET B 368 -4.20 8.35 11.48
CA MET B 368 -4.33 9.80 11.43
C MET B 368 -2.95 10.37 11.10
N ASN B 369 -2.78 10.86 9.87
CA ASN B 369 -1.50 11.36 9.39
C ASN B 369 -1.68 12.76 8.82
N THR B 370 -0.57 13.49 8.72
CA THR B 370 -0.57 14.87 8.26
C THR B 370 0.10 14.96 6.89
N PRO B 371 -0.62 15.34 5.84
CA PRO B 371 0.00 15.48 4.52
C PRO B 371 0.51 16.89 4.26
N VAL B 372 1.49 16.97 3.36
CA VAL B 372 1.97 18.28 2.91
C VAL B 372 0.91 18.97 2.07
N GLU B 373 0.31 18.24 1.13
CA GLU B 373 -0.75 18.77 0.30
C GLU B 373 -1.58 17.61 -0.24
N VAL B 374 -2.87 17.87 -0.45
CA VAL B 374 -3.79 16.91 -1.03
C VAL B 374 -4.48 17.58 -2.21
N ASP B 375 -4.44 16.93 -3.37
CA ASP B 375 -5.14 17.52 -4.51
C ASP B 375 -6.63 17.24 -4.40
N ILE B 376 -7.39 17.81 -5.34
CA ILE B 376 -8.83 17.66 -5.32
C ILE B 376 -9.29 16.23 -5.59
N TYR B 377 -8.37 15.33 -5.97
CA TYR B 377 -8.72 13.93 -6.21
C TYR B 377 -8.11 13.01 -5.16
N ALA B 378 -7.68 13.55 -4.02
CA ALA B 378 -7.29 12.80 -2.84
C ALA B 378 -5.99 12.01 -3.04
N HIS B 379 -5.04 12.56 -3.77
CA HIS B 379 -3.67 12.03 -3.82
C HIS B 379 -2.80 12.92 -2.93
N ALA B 380 -2.33 12.36 -1.83
CA ALA B 380 -1.67 13.16 -0.80
C ALA B 380 -0.16 13.15 -0.95
N ASN B 381 0.45 14.29 -0.66
CA ASN B 381 1.89 14.45 -0.66
C ASN B 381 2.36 14.51 0.78
N SER B 382 3.34 13.69 1.12
CA SER B 382 3.87 13.63 2.48
C SER B 382 5.36 13.95 2.57
N THR B 383 6.08 13.95 1.45
CA THR B 383 7.53 14.04 1.48
C THR B 383 8.08 15.26 0.76
N ASN B 384 7.65 15.51 -0.47
CA ASN B 384 8.32 16.46 -1.35
C ASN B 384 7.56 17.78 -1.40
N VAL B 385 8.29 18.87 -1.24
CA VAL B 385 7.75 20.22 -1.42
C VAL B 385 7.95 20.62 -2.88
N ASN B 386 6.85 20.91 -3.57
CA ASN B 386 6.84 21.21 -5.00
C ASN B 386 7.40 20.05 -5.84
N GLY B 387 7.36 18.85 -5.29
CA GLY B 387 7.79 17.66 -6.01
C GLY B 387 9.26 17.35 -5.97
N SER B 388 10.07 18.19 -5.34
CA SER B 388 11.52 17.98 -5.38
C SER B 388 12.18 18.00 -4.01
N ARG B 389 11.73 18.84 -3.09
CA ARG B 389 12.44 19.08 -1.84
C ARG B 389 11.99 18.06 -0.79
N MET B 390 12.93 17.22 -0.35
CA MET B 390 12.66 16.27 0.72
C MET B 390 12.47 16.99 2.04
N LEU B 391 11.38 16.67 2.75
CA LEU B 391 11.16 17.23 4.08
C LEU B 391 11.63 16.28 5.17
N ASN B 392 10.99 15.12 5.28
CA ASN B 392 11.32 14.16 6.34
C ASN B 392 11.37 12.71 5.91
N GLY B 393 10.71 12.33 4.82
CA GLY B 393 10.59 10.93 4.46
C GLY B 393 9.19 10.41 4.68
N LEU B 394 8.87 9.32 3.96
CA LEU B 394 7.52 8.79 3.99
C LEU B 394 7.13 8.28 5.37
N GLY B 395 8.05 7.56 6.03
CA GLY B 395 7.74 7.02 7.33
C GLY B 395 6.69 5.92 7.26
N GLY B 396 5.98 5.73 8.38
CA GLY B 396 4.95 4.73 8.49
C GLY B 396 3.57 5.17 8.07
N SER B 397 3.43 6.36 7.50
CA SER B 397 2.11 6.85 7.10
C SER B 397 1.50 5.95 6.01
N ALA B 398 2.32 5.55 5.04
CA ALA B 398 1.80 4.72 3.95
C ALA B 398 1.36 3.35 4.44
N ASP B 399 2.09 2.77 5.39
CA ASP B 399 1.72 1.46 5.93
C ASP B 399 0.37 1.53 6.63
N PHE B 400 0.16 2.57 7.43
CA PHE B 400 -1.08 2.66 8.20
C PHE B 400 -2.26 3.04 7.33
N LEU B 401 -2.09 4.04 6.45
CA LEU B 401 -3.22 4.59 5.73
C LEU B 401 -3.87 3.60 4.76
N ARG B 402 -3.09 2.76 4.10
CA ARG B 402 -3.70 1.78 3.21
C ARG B 402 -4.43 0.68 3.97
N ASN B 403 -3.87 0.21 5.07
CA ASN B 403 -4.40 -0.94 5.78
C ASN B 403 -5.41 -0.59 6.86
N ALA B 404 -5.40 0.66 7.36
CA ALA B 404 -6.27 1.02 8.46
C ALA B 404 -7.74 0.92 8.05
N LYS B 405 -8.59 0.59 9.02
CA LYS B 405 -10.02 0.59 8.78
C LYS B 405 -10.51 1.98 8.42
N LEU B 406 -10.06 3.00 9.16
CA LEU B 406 -10.34 4.40 8.87
C LEU B 406 -9.03 5.10 8.57
N SER B 407 -8.90 5.61 7.35
CA SER B 407 -7.71 6.34 6.93
C SER B 407 -8.05 7.83 6.95
N ILE B 408 -7.48 8.55 7.92
CA ILE B 408 -7.79 9.95 8.14
C ILE B 408 -6.52 10.77 7.92
N MET B 409 -6.62 11.83 7.13
CA MET B 409 -5.55 12.81 6.98
C MET B 409 -6.05 14.18 7.38
N HIS B 410 -5.31 14.82 8.27
CA HIS B 410 -5.66 16.13 8.81
C HIS B 410 -4.51 17.11 8.56
N ALA B 411 -4.83 18.21 7.89
CA ALA B 411 -3.83 19.21 7.54
C ALA B 411 -4.47 20.59 7.63
N PRO B 412 -3.68 21.64 7.82
CA PRO B 412 -4.24 22.99 7.75
C PRO B 412 -4.81 23.28 6.36
N SER B 413 -5.85 24.11 6.33
CA SER B 413 -6.46 24.44 5.05
C SER B 413 -5.56 25.29 4.17
N ALA B 414 -4.75 26.15 4.79
CA ALA B 414 -3.82 26.99 4.04
C ALA B 414 -2.64 27.35 4.93
N ARG B 415 -1.54 27.73 4.30
CA ARG B 415 -0.33 28.10 5.01
C ARG B 415 0.20 29.42 4.46
N PRO B 416 0.82 30.25 5.31
CA PRO B 416 1.23 31.58 4.87
C PRO B 416 2.56 31.56 4.12
N THR B 417 2.78 32.65 3.39
CA THR B 417 4.05 32.93 2.72
C THR B 417 4.56 34.30 3.17
N LYS B 418 5.68 34.72 2.58
CA LYS B 418 6.25 36.02 2.91
C LYS B 418 5.39 37.16 2.38
N VAL B 419 4.54 36.91 1.37
CA VAL B 419 3.75 37.96 0.76
C VAL B 419 2.26 37.83 1.06
N ASP B 420 1.75 36.61 1.26
CA ASP B 420 0.33 36.39 1.42
C ASP B 420 0.11 35.53 2.66
N PRO B 421 -0.76 35.97 3.60
CA PRO B 421 -1.05 35.13 4.77
C PRO B 421 -1.70 33.80 4.42
N THR B 422 -2.27 33.67 3.23
CA THR B 422 -2.82 32.40 2.74
C THR B 422 -2.25 32.09 1.36
N GLY B 423 -0.92 32.23 1.22
CA GLY B 423 -0.29 32.05 -0.07
C GLY B 423 -0.15 30.61 -0.51
N ILE B 424 -0.20 29.67 0.41
CA ILE B 424 -0.06 28.24 0.10
C ILE B 424 -1.38 27.56 0.42
N SER B 425 -1.92 26.84 -0.56
CA SER B 425 -3.15 26.08 -0.39
C SER B 425 -2.82 24.60 -0.26
N THR B 426 -3.32 23.97 0.79
CA THR B 426 -3.14 22.53 0.94
C THR B 426 -3.91 21.76 -0.12
N ILE B 427 -5.05 22.29 -0.55
CA ILE B 427 -5.83 21.68 -1.63
C ILE B 427 -5.39 22.31 -2.94
N VAL B 428 -4.91 21.47 -3.85
CA VAL B 428 -4.31 21.94 -5.10
C VAL B 428 -4.98 21.19 -6.25
N PRO B 429 -4.92 21.75 -7.47
CA PRO B 429 -5.49 21.01 -8.61
C PRO B 429 -4.84 19.65 -8.83
N MET B 430 -3.53 19.53 -8.63
CA MET B 430 -2.84 18.26 -8.73
C MET B 430 -1.63 18.28 -7.83
N ALA B 431 -1.40 17.18 -7.10
CA ALA B 431 -0.24 17.10 -6.23
C ALA B 431 1.03 16.89 -7.03
N SER B 432 2.06 17.67 -6.70
CA SER B 432 3.35 17.55 -7.39
C SER B 432 4.07 16.26 -7.04
N HIS B 433 3.64 15.55 -6.00
CA HIS B 433 4.25 14.29 -5.59
C HIS B 433 3.18 13.47 -4.89
N VAL B 434 3.00 12.23 -5.32
CA VAL B 434 1.95 11.36 -4.80
C VAL B 434 2.60 10.28 -3.96
N ASP B 435 2.30 10.28 -2.66
CA ASP B 435 2.70 9.22 -1.74
C ASP B 435 1.55 8.33 -1.32
N GLN B 436 0.40 8.92 -1.02
CA GLN B 436 -0.82 8.18 -0.72
C GLN B 436 -1.83 8.47 -1.81
N THR B 437 -2.28 7.43 -2.49
CA THR B 437 -3.19 7.60 -3.61
C THR B 437 -4.64 7.70 -3.13
N GLU B 438 -5.55 7.92 -4.09
CA GLU B 438 -6.97 8.02 -3.76
C GLU B 438 -7.56 6.70 -3.29
N HIS B 439 -6.84 5.60 -3.49
CA HIS B 439 -7.29 4.29 -3.05
C HIS B 439 -6.99 4.01 -1.58
N ASP B 440 -6.23 4.89 -0.93
CA ASP B 440 -5.89 4.72 0.48
C ASP B 440 -6.66 5.63 1.42
N LEU B 441 -6.98 6.85 0.98
CA LEU B 441 -7.56 7.85 1.86
C LEU B 441 -9.07 7.68 1.95
N ASP B 442 -9.60 7.82 3.17
CA ASP B 442 -11.03 7.78 3.43
C ASP B 442 -11.59 9.09 3.96
N ILE B 443 -10.90 9.74 4.88
CA ILE B 443 -11.35 10.98 5.49
C ILE B 443 -10.26 12.04 5.30
N LEU B 444 -10.67 13.23 4.89
CA LEU B 444 -9.79 14.39 4.81
C LEU B 444 -10.36 15.48 5.71
N VAL B 445 -9.54 16.00 6.61
CA VAL B 445 -9.97 16.94 7.62
C VAL B 445 -9.07 18.16 7.58
N THR B 446 -9.67 19.35 7.55
CA THR B 446 -8.95 20.59 7.73
C THR B 446 -9.67 21.43 8.78
N ASP B 447 -9.20 22.66 9.00
CA ASP B 447 -9.88 23.54 9.93
C ASP B 447 -11.18 24.10 9.37
N GLN B 448 -11.47 23.87 8.09
CA GLN B 448 -12.71 24.34 7.48
C GLN B 448 -13.83 23.33 7.58
N GLY B 449 -13.53 22.03 7.57
CA GLY B 449 -14.57 21.03 7.65
C GLY B 449 -13.97 19.64 7.51
N LEU B 450 -14.86 18.67 7.30
CA LEU B 450 -14.49 17.28 7.16
C LEU B 450 -15.07 16.73 5.87
N ALA B 451 -14.22 16.16 5.02
CA ALA B 451 -14.64 15.54 3.78
C ALA B 451 -14.63 14.03 3.95
N ASP B 452 -15.77 13.40 3.67
CA ASP B 452 -15.93 11.96 3.80
C ASP B 452 -15.85 11.36 2.40
N LEU B 453 -14.72 10.74 2.08
CA LEU B 453 -14.42 10.30 0.73
C LEU B 453 -14.62 8.80 0.53
N ARG B 454 -15.35 8.15 1.42
CA ARG B 454 -15.57 6.72 1.32
C ARG B 454 -16.63 6.41 0.28
N GLY B 455 -16.28 5.61 -0.71
CA GLY B 455 -17.23 5.24 -1.75
C GLY B 455 -17.67 6.35 -2.67
N LEU B 456 -16.76 7.23 -3.08
CA LEU B 456 -17.07 8.35 -3.93
C LEU B 456 -16.25 8.31 -5.21
N SER B 457 -16.87 8.68 -6.32
CA SER B 457 -16.18 8.79 -7.60
C SER B 457 -15.28 10.03 -7.58
N PRO B 458 -14.28 10.08 -8.47
CA PRO B 458 -13.31 11.20 -8.41
C PRO B 458 -13.95 12.57 -8.50
N LYS B 459 -14.98 12.76 -9.33
CA LYS B 459 -15.65 14.05 -9.38
C LYS B 459 -16.40 14.35 -8.09
N GLU B 460 -17.06 13.34 -7.53
CA GLU B 460 -17.70 13.51 -6.23
C GLU B 460 -16.68 13.82 -5.14
N ARG B 461 -15.53 13.15 -5.18
CA ARG B 461 -14.46 13.45 -4.24
C ARG B 461 -14.00 14.90 -4.38
N ALA B 462 -13.84 15.37 -5.61
CA ALA B 462 -13.39 16.74 -5.84
C ALA B 462 -14.41 17.74 -5.31
N ARG B 463 -15.69 17.53 -5.61
CA ARG B 463 -16.72 18.43 -5.11
C ARG B 463 -16.74 18.43 -3.59
N GLU B 464 -16.68 17.26 -2.96
CA GLU B 464 -16.72 17.17 -1.51
C GLU B 464 -15.51 17.87 -0.88
N ILE B 465 -14.32 17.65 -1.43
CA ILE B 465 -13.12 18.25 -0.87
C ILE B 465 -13.15 19.77 -1.02
N ILE B 466 -13.53 20.26 -2.20
CA ILE B 466 -13.59 21.71 -2.40
C ILE B 466 -14.63 22.33 -1.48
N ASN B 467 -15.77 21.65 -1.29
CA ASN B 467 -16.82 22.22 -0.44
C ASN B 467 -16.39 22.25 1.03
N LYS B 468 -15.79 21.16 1.51
CA LYS B 468 -15.56 21.03 2.95
C LYS B 468 -14.19 21.52 3.39
N CYS B 469 -13.12 21.07 2.74
CA CYS B 469 -11.78 21.29 3.24
C CYS B 469 -11.07 22.49 2.62
N ALA B 470 -11.48 22.92 1.43
CA ALA B 470 -10.78 24.00 0.75
C ALA B 470 -10.97 25.33 1.46
N HIS B 471 -9.91 26.12 1.52
CA HIS B 471 -9.98 27.44 2.12
C HIS B 471 -10.87 28.35 1.30
N PRO B 472 -11.60 29.28 1.94
CA PRO B 472 -12.46 30.19 1.17
C PRO B 472 -11.73 31.00 0.12
N ASP B 473 -10.45 31.31 0.35
CA ASP B 473 -9.68 32.06 -0.64
C ASP B 473 -9.36 31.25 -1.89
N TYR B 474 -9.40 29.93 -1.80
CA TYR B 474 -9.07 29.07 -2.93
C TYR B 474 -10.26 28.26 -3.44
N GLN B 475 -11.42 28.37 -2.79
CA GLN B 475 -12.58 27.62 -3.27
C GLN B 475 -12.98 28.04 -4.67
N ALA B 476 -12.97 29.35 -4.94
CA ALA B 476 -13.33 29.83 -6.27
C ALA B 476 -12.36 29.33 -7.32
N LEU B 477 -11.05 29.40 -7.02
CA LEU B 477 -10.05 28.93 -7.98
C LEU B 477 -10.19 27.45 -8.26
N LEU B 478 -10.36 26.64 -7.20
CA LEU B 478 -10.47 25.20 -7.38
C LEU B 478 -11.75 24.84 -8.13
N THR B 479 -12.86 25.53 -7.82
CA THR B 479 -14.10 25.27 -8.54
C THR B 479 -13.99 25.64 -10.01
N ASP B 480 -13.36 26.77 -10.31
CA ASP B 480 -13.17 27.17 -11.70
C ASP B 480 -12.30 26.17 -12.45
N TYR B 481 -11.21 25.72 -11.81
CA TYR B 481 -10.35 24.72 -12.44
C TYR B 481 -11.11 23.43 -12.70
N LEU B 482 -11.89 22.98 -11.72
CA LEU B 482 -12.65 21.74 -11.89
C LEU B 482 -13.70 21.87 -12.98
N ASP B 483 -14.38 23.01 -13.05
CA ASP B 483 -15.39 23.21 -14.10
C ASP B 483 -14.75 23.24 -15.49
N ARG B 484 -13.63 23.95 -15.63
CA ARG B 484 -12.95 23.97 -16.92
C ARG B 484 -12.46 22.57 -17.31
N ALA B 485 -11.90 21.83 -16.36
CA ALA B 485 -11.44 20.49 -16.64
C ALA B 485 -12.59 19.57 -17.01
N GLU B 486 -13.75 19.73 -16.34
CA GLU B 486 -14.91 18.92 -16.67
C GLU B 486 -15.41 19.22 -18.08
N HIS B 487 -15.44 20.50 -18.46
CA HIS B 487 -15.85 20.85 -19.83
C HIS B 487 -14.88 20.27 -20.85
N TYR B 488 -13.58 20.40 -20.58
CA TYR B 488 -12.57 19.85 -21.49
C TYR B 488 -12.70 18.35 -21.62
N ALA B 489 -12.91 17.65 -20.50
CA ALA B 489 -13.03 16.20 -20.55
C ALA B 489 -14.32 15.77 -21.23
N LYS B 490 -15.41 16.52 -21.05
CA LYS B 490 -16.63 16.21 -21.78
C LYS B 490 -16.41 16.37 -23.28
N LYS B 491 -15.57 17.33 -23.67
CA LYS B 491 -15.28 17.50 -25.09
C LYS B 491 -14.52 16.29 -25.65
N HIS B 492 -13.56 15.74 -24.90
CA HIS B 492 -12.71 14.65 -25.38
C HIS B 492 -12.98 13.32 -24.68
N ASN B 493 -14.14 13.17 -24.04
CA ASN B 493 -14.61 11.87 -23.54
C ASN B 493 -13.62 11.24 -22.54
N CYS B 494 -13.17 12.04 -21.59
CA CYS B 494 -12.33 11.56 -20.49
C CYS B 494 -12.81 12.12 -19.17
N LEU B 495 -14.13 12.00 -18.93
CA LEU B 495 -14.80 12.67 -17.83
C LEU B 495 -14.73 11.90 -16.52
N HIS B 496 -13.98 10.79 -16.47
CA HIS B 496 -13.86 10.06 -15.22
C HIS B 496 -13.13 10.87 -14.16
N GLU B 497 -11.89 11.27 -14.45
CA GLU B 497 -11.08 12.08 -13.56
C GLU B 497 -10.55 13.26 -14.36
N PRO B 498 -11.41 14.25 -14.63
CA PRO B 498 -11.02 15.33 -15.54
C PRO B 498 -9.84 16.12 -15.02
N HIS B 499 -8.96 16.51 -15.94
CA HIS B 499 -7.77 17.27 -15.62
C HIS B 499 -7.39 18.14 -16.80
N MET B 500 -6.65 19.21 -16.51
CA MET B 500 -6.00 20.04 -17.53
C MET B 500 -4.51 19.96 -17.24
N LEU B 501 -3.83 19.03 -17.92
CA LEU B 501 -2.39 18.84 -17.69
C LEU B 501 -1.60 20.09 -18.01
N LYS B 502 -2.12 20.96 -18.86
CA LYS B 502 -1.44 22.23 -19.14
C LYS B 502 -1.50 23.16 -17.94
N ASN B 503 -2.57 23.11 -17.16
CA ASN B 503 -2.78 24.00 -16.03
C ASN B 503 -2.65 23.29 -14.68
N ALA B 504 -2.26 22.01 -14.68
CA ALA B 504 -2.32 21.22 -13.45
C ALA B 504 -1.40 21.77 -12.37
N PHE B 505 -0.18 22.15 -12.74
CA PHE B 505 0.82 22.63 -11.80
C PHE B 505 0.95 24.14 -11.80
N LYS B 506 -0.09 24.86 -12.20
CA LYS B 506 -0.01 26.31 -12.24
C LYS B 506 0.00 26.93 -10.85
N PHE B 507 -0.60 26.26 -9.86
CA PHE B 507 -0.50 26.75 -8.49
C PHE B 507 0.95 26.82 -8.04
N HIS B 508 1.72 25.75 -8.30
CA HIS B 508 3.10 25.70 -7.82
C HIS B 508 4.01 26.64 -8.61
N THR B 509 3.83 26.72 -9.93
CA THR B 509 4.61 27.65 -10.74
C THR B 509 4.30 29.10 -10.35
N ASN B 510 3.02 29.40 -10.11
CA ASN B 510 2.67 30.74 -9.67
C ASN B 510 3.21 31.06 -8.29
N LEU B 511 3.25 30.07 -7.40
CA LEU B 511 3.90 30.27 -6.11
C LEU B 511 5.38 30.56 -6.28
N ALA B 512 6.04 29.84 -7.19
CA ALA B 512 7.46 30.07 -7.42
C ALA B 512 7.73 31.44 -8.01
N GLU B 513 6.89 31.89 -8.94
CA GLU B 513 7.19 33.13 -9.66
C GLU B 513 6.70 34.38 -8.93
N LYS B 514 5.58 34.27 -8.20
CA LYS B 514 4.96 35.43 -7.57
C LYS B 514 4.81 35.33 -6.06
N GLY B 515 5.12 34.18 -5.46
CA GLY B 515 5.02 34.03 -4.02
C GLY B 515 3.65 33.66 -3.49
N THR B 516 2.69 33.39 -4.37
CA THR B 516 1.35 32.98 -3.93
C THR B 516 0.74 32.08 -4.98
N MET B 517 -0.02 31.08 -4.53
CA MET B 517 -0.67 30.16 -5.45
C MET B 517 -1.91 30.73 -6.11
N LYS B 518 -2.38 31.89 -5.67
CA LYS B 518 -3.60 32.47 -6.24
C LYS B 518 -3.31 32.95 -7.65
N VAL B 519 -3.69 32.14 -8.65
CA VAL B 519 -3.42 32.44 -10.04
C VAL B 519 -4.44 33.45 -10.55
N ASP B 520 -3.99 34.35 -11.42
CA ASP B 520 -4.90 35.34 -11.99
C ASP B 520 -5.82 34.71 -13.02
N SER B 521 -5.27 33.87 -13.90
CA SER B 521 -6.04 33.24 -14.96
C SER B 521 -5.38 31.96 -15.37
N TRP B 522 -6.14 31.10 -16.06
CA TRP B 522 -5.64 29.83 -16.57
C TRP B 522 -5.33 29.94 -18.05
N GLU B 523 -4.32 29.18 -18.50
CA GLU B 523 -4.06 29.08 -19.92
C GLU B 523 -5.22 28.37 -20.62
N PRO B 524 -5.68 28.88 -21.77
CA PRO B 524 -6.79 28.24 -22.47
C PRO B 524 -6.42 26.83 -22.95
N VAL B 525 -7.43 25.96 -22.99
CA VAL B 525 -7.28 24.60 -23.47
C VAL B 525 -8.30 24.38 -24.58
N ASP B 526 -7.86 23.77 -25.68
CA ASP B 526 -8.72 23.55 -26.83
C ASP B 526 -9.72 22.43 -26.58
#